data_5O6J
#
_entry.id   5O6J
#
_cell.length_a   79.918
_cell.length_b   177.285
_cell.length_c   58.298
_cell.angle_alpha   90.00
_cell.angle_beta   90.00
_cell.angle_gamma   90.00
#
_symmetry.space_group_name_H-M   'P 21 21 2'
#
loop_
_entity.id
_entity.type
_entity.pdbx_description
1 polymer 'Glycylpeptide N-tetradecanoyltransferase 1'
2 non-polymer TETRADECANOYL-COA
3 non-polymer 'PHOSPHATE ION'
4 non-polymer 'MAGNESIUM ION'
5 non-polymer 1-[5-[3-fluoranyl-2-[2-(1,3,5-trimethylpyrazol-4-yl)ethoxy]phenyl]-1-methyl-indazol-3-yl]-~{N},~{N}-dimethyl-methanamine
6 water water
#
_entity_poly.entity_id   1
_entity_poly.type   'polypeptide(L)'
_entity_poly.pdbx_seq_one_letter_code
;GPHMEEASKRSYQFWDTQPVPKLGEVVNTHGPVEPDKDNIRQEPYTLPQGFTWDALDLGDRGVLKELYTLLNENYVEDDD
NMFRFDYSPEFLLWALRPPGWLPQWHCGVRVVSSRKLVGFISAIPANIHIYDTEKKMVEINFLCVHKKLRSKRVAPVLIR
EITRRVHLEGIFQAVYTAGVVLPKPVGTCRYWHRSLNPRKLIEVKFSHLSRNMTMQRTMKLYRLPETPKTAGLRPMETKD
IPVVHQLLTRYLKQFHLTPVMSQEEVEHWFYPQENIIDTFVVENANGEVTDFLSFYTLPSTIMNHPTHKSLKAAYSFYNV
HTQTPLLDLMSDALVLAKMKGFDVFNALDLMENKTFLEKLKFGIGDGNLQYYLYNWKCPSMGAEKVGLVLQ
;
_entity_poly.pdbx_strand_id   A,B
#
loop_
_chem_comp.id
_chem_comp.type
_chem_comp.name
_chem_comp.formula
9M8 non-polymer 1-[5-[3-fluoranyl-2-[2-(1,3,5-trimethylpyrazol-4-yl)ethoxy]phenyl]-1-methyl-indazol-3-yl]-~{N},~{N}-dimethyl-methanamine 'C25 H30 F N5 O'
MG non-polymer 'MAGNESIUM ION' 'Mg 2'
MYA non-polymer TETRADECANOYL-COA 'C35 H62 N7 O17 P3 S'
PO4 non-polymer 'PHOSPHATE ION' 'O4 P -3'
#
# COMPACT_ATOMS: atom_id res chain seq x y z
N ARG A 10 11.71 12.59 32.20
CA ARG A 10 12.25 13.89 32.71
C ARG A 10 12.31 14.92 31.58
N SER A 11 13.46 15.09 30.93
CA SER A 11 13.49 15.75 29.59
C SER A 11 14.04 14.79 28.50
N TYR A 12 13.67 15.01 27.22
CA TYR A 12 14.05 14.11 26.10
C TYR A 12 14.54 14.99 24.92
N GLN A 13 15.84 15.14 24.83
CA GLN A 13 16.45 15.97 23.79
C GLN A 13 15.97 15.70 22.37
N PHE A 14 15.82 14.42 22.02
CA PHE A 14 15.26 14.08 20.68
C PHE A 14 13.72 14.10 20.79
N TRP A 15 13.17 13.32 21.72
CA TRP A 15 11.71 13.17 21.68
C TRP A 15 10.84 14.40 21.92
N ASP A 16 11.36 15.35 22.68
CA ASP A 16 10.57 16.57 22.90
C ASP A 16 10.41 17.37 21.62
N THR A 17 11.26 17.07 20.60
CA THR A 17 11.14 17.77 19.31
C THR A 17 10.08 17.14 18.34
N GLN A 18 9.50 15.99 18.73
CA GLN A 18 8.70 15.19 17.85
C GLN A 18 7.24 15.39 18.10
N PRO A 19 6.39 15.12 17.11
CA PRO A 19 4.93 15.23 17.21
C PRO A 19 4.39 14.03 17.97
N VAL A 20 4.59 14.04 19.29
CA VAL A 20 4.09 13.00 20.21
C VAL A 20 3.70 13.80 21.49
N PRO A 21 2.73 13.30 22.26
CA PRO A 21 2.39 13.96 23.51
C PRO A 21 3.48 13.94 24.55
N LYS A 22 3.47 14.93 25.47
CA LYS A 22 4.53 14.96 26.51
C LYS A 22 4.23 13.88 27.59
N LEU A 23 5.24 13.27 28.22
CA LEU A 23 4.92 12.40 29.39
C LEU A 23 4.08 13.17 30.41
N GLY A 24 3.02 12.53 30.90
CA GLY A 24 2.08 13.22 31.83
C GLY A 24 1.28 14.40 31.27
N GLU A 25 1.10 14.45 29.95
CA GLU A 25 0.13 15.38 29.34
C GLU A 25 -1.21 14.63 29.40
N VAL A 26 -2.22 15.17 30.06
CA VAL A 26 -3.56 14.57 30.03
CA VAL A 26 -3.54 14.51 29.99
C VAL A 26 -4.15 14.81 28.62
N VAL A 27 -4.45 13.74 27.87
CA VAL A 27 -4.99 13.85 26.51
C VAL A 27 -6.46 13.53 26.50
N ASN A 28 -7.26 14.49 26.07
CA ASN A 28 -8.73 14.30 25.99
C ASN A 28 -9.19 14.04 24.58
N THR A 29 -8.58 14.75 23.63
CA THR A 29 -8.85 14.67 22.17
C THR A 29 -8.26 13.43 21.43
N HIS A 30 -8.74 13.25 20.19
CA HIS A 30 -8.26 12.23 19.26
C HIS A 30 -7.80 12.91 17.98
N GLY A 31 -6.55 12.74 17.55
CA GLY A 31 -6.18 13.16 16.19
C GLY A 31 -4.67 13.40 16.02
N PRO A 32 -4.27 13.88 14.84
CA PRO A 32 -2.83 14.13 14.73
C PRO A 32 -2.25 15.26 15.60
N VAL A 33 -0.95 15.17 15.84
CA VAL A 33 -0.28 16.16 16.64
C VAL A 33 0.04 17.38 15.75
N GLU A 34 0.36 17.15 14.52
CA GLU A 34 0.78 18.25 13.65
C GLU A 34 0.14 17.99 12.31
N PRO A 35 -0.08 19.05 11.53
CA PRO A 35 -0.67 18.83 10.23
C PRO A 35 0.28 18.10 9.28
N ASP A 36 -0.37 17.37 8.38
CA ASP A 36 0.26 16.60 7.32
C ASP A 36 1.14 17.51 6.41
N LYS A 37 2.18 16.94 5.82
CA LYS A 37 3.19 17.76 5.16
C LYS A 37 3.02 17.77 3.65
N ASP A 38 2.98 18.98 3.06
CA ASP A 38 2.90 18.91 1.59
CA ASP A 38 2.90 19.18 1.59
C ASP A 38 4.26 19.05 0.89
N ASN A 39 5.32 19.23 1.68
CA ASN A 39 6.70 19.23 1.17
CA ASN A 39 6.68 19.20 1.17
C ASN A 39 7.47 18.36 2.14
N ILE A 40 8.16 17.41 1.58
CA ILE A 40 8.99 16.51 2.41
C ILE A 40 10.42 16.72 1.97
N ARG A 41 11.30 16.77 2.99
CA ARG A 41 12.78 16.76 2.81
CA ARG A 41 12.76 16.77 2.80
C ARG A 41 13.26 15.64 1.88
N GLN A 42 13.99 16.00 0.82
CA GLN A 42 14.41 15.03 -0.20
C GLN A 42 15.75 14.33 0.08
N GLU A 43 16.53 14.96 0.94
CA GLU A 43 17.91 14.47 1.23
C GLU A 43 17.88 13.63 2.47
N PRO A 44 18.58 12.51 2.43
CA PRO A 44 18.66 11.72 3.65
C PRO A 44 19.30 12.56 4.79
N TYR A 45 18.94 12.25 6.02
CA TYR A 45 19.68 12.78 7.18
C TYR A 45 21.13 12.31 7.18
N THR A 46 22.02 13.13 7.70
CA THR A 46 23.46 12.80 7.67
C THR A 46 23.86 11.93 8.88
N LEU A 47 24.63 10.89 8.60
CA LEU A 47 25.19 10.06 9.64
C LEU A 47 26.54 10.59 10.08
N PRO A 48 27.03 10.11 11.23
CA PRO A 48 28.41 10.57 11.59
C PRO A 48 29.38 10.14 10.54
N GLN A 49 30.50 10.87 10.50
CA GLN A 49 31.60 10.58 9.58
CA GLN A 49 31.51 10.56 9.50
C GLN A 49 31.94 9.09 9.61
N GLY A 50 32.05 8.47 8.41
CA GLY A 50 32.58 7.13 8.17
C GLY A 50 31.48 6.09 8.09
N PHE A 51 30.25 6.57 8.22
CA PHE A 51 29.07 5.69 8.09
C PHE A 51 28.21 6.12 6.90
N THR A 52 27.48 5.18 6.34
CA THR A 52 26.61 5.44 5.21
C THR A 52 25.27 4.70 5.29
N TRP A 53 24.24 5.26 4.68
CA TRP A 53 23.02 4.46 4.45
C TRP A 53 23.13 3.36 3.43
N ASP A 54 22.36 2.28 3.66
CA ASP A 54 22.26 1.23 2.66
C ASP A 54 20.98 0.57 2.85
N ALA A 55 20.14 0.60 1.82
CA ALA A 55 18.89 -0.12 1.92
C ALA A 55 19.17 -1.60 1.75
N LEU A 56 18.56 -2.47 2.55
CA LEU A 56 19.02 -3.91 2.60
C LEU A 56 18.05 -4.74 1.82
N ASP A 57 18.57 -5.45 0.81
CA ASP A 57 17.75 -6.34 0.02
C ASP A 57 17.68 -7.67 0.70
N LEU A 58 16.66 -7.87 1.50
CA LEU A 58 16.53 -9.14 2.29
C LEU A 58 16.27 -10.40 1.43
N GLY A 59 15.98 -10.20 0.15
CA GLY A 59 15.94 -11.33 -0.79
C GLY A 59 17.33 -11.81 -1.19
N ASP A 60 18.39 -11.07 -0.87
CA ASP A 60 19.81 -11.52 -1.08
C ASP A 60 20.23 -12.26 0.19
N ARG A 61 20.54 -13.56 0.03
CA ARG A 61 20.75 -14.37 1.26
C ARG A 61 21.91 -13.83 2.12
N GLY A 62 23.01 -13.46 1.49
CA GLY A 62 24.16 -12.78 2.12
C GLY A 62 23.76 -11.57 2.96
N VAL A 63 22.97 -10.65 2.37
CA VAL A 63 22.54 -9.45 3.11
C VAL A 63 21.60 -9.77 4.25
N LEU A 64 20.68 -10.68 4.02
CA LEU A 64 19.80 -11.11 5.10
C LEU A 64 20.62 -11.74 6.25
N LYS A 65 21.66 -12.48 5.90
CA LYS A 65 22.49 -13.12 6.94
C LYS A 65 23.30 -12.00 7.68
N GLU A 66 23.70 -10.88 6.99
CA GLU A 66 24.32 -9.77 7.71
C GLU A 66 23.35 -9.21 8.73
N LEU A 67 22.05 -9.03 8.35
CA LEU A 67 21.09 -8.44 9.27
C LEU A 67 20.87 -9.43 10.44
N TYR A 68 20.75 -10.69 10.09
CA TYR A 68 20.58 -11.76 11.18
C TYR A 68 21.77 -11.59 12.18
N THR A 69 22.99 -11.44 11.69
CA THR A 69 24.17 -11.36 12.58
C THR A 69 24.14 -10.03 13.39
N LEU A 70 23.82 -8.90 12.73
CA LEU A 70 23.67 -7.65 13.48
C LEU A 70 22.73 -7.86 14.63
N LEU A 71 21.51 -8.38 14.34
CA LEU A 71 20.54 -8.47 15.44
C LEU A 71 20.93 -9.57 16.48
N ASN A 72 21.52 -10.64 16.01
CA ASN A 72 21.90 -11.75 16.93
C ASN A 72 22.97 -11.24 17.95
N GLU A 73 23.73 -10.27 17.51
CA GLU A 73 24.85 -9.77 18.37
C GLU A 73 24.51 -8.54 19.11
N ASN A 74 23.46 -7.80 18.69
CA ASN A 74 23.26 -6.43 19.15
C ASN A 74 21.87 -6.06 19.41
N TYR A 75 20.92 -7.01 19.27
CA TYR A 75 19.51 -6.59 19.47
C TYR A 75 19.08 -6.72 20.96
N VAL A 76 17.80 -6.80 21.20
CA VAL A 76 17.22 -6.62 22.59
C VAL A 76 17.75 -7.77 23.47
N GLU A 77 18.15 -7.33 24.68
CA GLU A 77 18.49 -8.24 25.78
C GLU A 77 17.47 -8.03 26.86
N ASP A 78 17.39 -9.02 27.77
CA ASP A 78 16.61 -8.82 28.95
C ASP A 78 17.27 -7.81 29.89
N ASP A 79 16.55 -7.49 30.99
CA ASP A 79 17.06 -6.57 31.98
CA ASP A 79 17.06 -6.52 31.94
C ASP A 79 18.38 -6.98 32.63
N ASP A 80 18.62 -8.29 32.75
CA ASP A 80 19.91 -8.81 33.35
C ASP A 80 21.04 -9.01 32.42
N ASN A 81 20.84 -8.67 31.12
CA ASN A 81 21.87 -8.96 30.14
C ASN A 81 22.33 -10.41 30.14
N MET A 82 21.37 -11.32 30.16
CA MET A 82 21.57 -12.73 30.21
C MET A 82 21.02 -13.45 28.98
N PHE A 83 20.05 -12.78 28.32
CA PHE A 83 19.43 -13.46 27.11
C PHE A 83 19.29 -12.33 26.05
N ARG A 84 19.43 -12.72 24.83
CA ARG A 84 19.33 -11.75 23.70
C ARG A 84 18.43 -12.42 22.60
N PHE A 85 17.49 -11.66 22.05
CA PHE A 85 16.74 -12.29 20.94
C PHE A 85 17.63 -12.79 19.80
N ASP A 86 17.16 -13.91 19.20
CA ASP A 86 17.84 -14.52 18.10
C ASP A 86 16.82 -14.84 17.01
N TYR A 87 16.32 -13.73 16.40
CA TYR A 87 15.38 -13.91 15.26
C TYR A 87 16.08 -14.67 14.16
N SER A 88 15.42 -15.70 13.57
CA SER A 88 16.11 -16.41 12.45
C SER A 88 15.99 -15.58 11.17
N PRO A 89 16.75 -15.94 10.16
CA PRO A 89 16.70 -15.27 8.85
C PRO A 89 15.27 -15.43 8.27
N GLU A 90 14.71 -16.64 8.30
N GLU A 90 14.70 -16.63 8.35
CA GLU A 90 13.40 -16.82 7.69
CA GLU A 90 13.42 -16.82 7.71
C GLU A 90 12.32 -16.12 8.51
C GLU A 90 12.34 -16.12 8.50
N PHE A 91 12.52 -15.99 9.81
CA PHE A 91 11.57 -15.24 10.58
C PHE A 91 11.65 -13.73 10.14
N LEU A 92 12.88 -13.23 10.06
CA LEU A 92 13.05 -11.82 9.63
C LEU A 92 12.30 -11.62 8.30
N LEU A 93 12.41 -12.54 7.35
CA LEU A 93 11.61 -12.38 6.08
C LEU A 93 10.13 -12.33 6.32
N TRP A 94 9.62 -13.14 7.23
CA TRP A 94 8.20 -13.08 7.53
C TRP A 94 7.84 -11.75 8.16
N ALA A 95 8.60 -11.23 9.09
CA ALA A 95 8.27 -10.02 9.80
C ALA A 95 8.51 -8.75 8.92
N LEU A 96 9.41 -8.81 7.98
CA LEU A 96 9.85 -7.60 7.28
C LEU A 96 9.31 -7.55 5.82
N ARG A 97 8.97 -8.71 5.24
CA ARG A 97 8.28 -8.72 3.93
C ARG A 97 6.77 -9.13 3.93
N PRO A 98 5.93 -8.51 4.74
CA PRO A 98 4.50 -8.75 4.64
C PRO A 98 3.93 -7.98 3.39
N PRO A 99 2.66 -8.22 3.07
CA PRO A 99 2.06 -7.54 1.89
C PRO A 99 2.28 -6.02 1.96
N GLY A 100 2.82 -5.45 0.90
CA GLY A 100 2.99 -3.99 0.83
C GLY A 100 4.33 -3.51 1.33
N TRP A 101 5.25 -4.45 1.69
CA TRP A 101 6.57 -4.05 2.14
C TRP A 101 7.27 -3.24 1.06
N LEU A 102 8.10 -2.28 1.48
CA LEU A 102 8.85 -1.46 0.50
C LEU A 102 10.35 -1.59 0.77
N PRO A 103 11.18 -1.63 -0.24
CA PRO A 103 12.63 -1.77 -0.05
C PRO A 103 13.29 -0.65 0.66
N GLN A 104 12.83 0.60 0.48
CA GLN A 104 13.48 1.76 1.12
C GLN A 104 13.13 1.78 2.58
N TRP A 105 12.25 0.88 3.04
CA TRP A 105 11.83 0.87 4.47
C TRP A 105 12.69 -0.21 5.25
N HIS A 106 13.67 -0.84 4.59
CA HIS A 106 14.63 -1.78 5.29
C HIS A 106 15.92 -0.96 5.32
N CYS A 107 16.08 -0.13 6.34
CA CYS A 107 16.98 0.98 6.31
C CYS A 107 18.27 0.54 7.15
N GLY A 108 19.32 0.19 6.45
CA GLY A 108 20.65 -0.18 7.08
C GLY A 108 21.67 0.95 7.15
N VAL A 109 22.64 0.79 8.05
CA VAL A 109 23.77 1.67 8.18
C VAL A 109 25.02 0.82 8.11
N ARG A 110 25.92 1.19 7.19
CA ARG A 110 27.21 0.48 7.07
C ARG A 110 28.40 1.36 7.35
N VAL A 111 29.46 0.76 7.92
CA VAL A 111 30.79 1.39 7.94
C VAL A 111 31.24 1.56 6.46
N VAL A 112 31.62 2.79 6.09
CA VAL A 112 32.07 3.04 4.71
C VAL A 112 33.31 2.21 4.31
N SER A 113 34.32 2.23 5.15
CA SER A 113 35.57 1.45 4.87
C SER A 113 35.39 -0.07 4.82
N SER A 114 34.75 -0.69 5.82
CA SER A 114 34.76 -2.19 5.91
C SER A 114 33.48 -2.76 5.34
N ARG A 115 32.47 -1.89 5.19
CA ARG A 115 31.10 -2.27 4.75
C ARG A 115 30.32 -2.98 5.87
N LYS A 116 30.88 -3.03 7.08
CA LYS A 116 30.19 -3.77 8.14
C LYS A 116 28.79 -3.18 8.44
N LEU A 117 27.77 -4.02 8.57
CA LEU A 117 26.47 -3.55 8.94
C LEU A 117 26.43 -3.22 10.43
N VAL A 118 26.10 -1.98 10.79
CA VAL A 118 26.19 -1.50 12.20
C VAL A 118 24.92 -0.90 12.73
N GLY A 119 23.88 -0.77 11.86
CA GLY A 119 22.64 -0.11 12.27
C GLY A 119 21.48 -0.62 11.35
N PHE A 120 20.29 -0.55 11.91
CA PHE A 120 19.05 -0.89 11.19
C PHE A 120 17.83 -0.31 11.77
N ILE A 121 16.79 -0.03 10.92
CA ILE A 121 15.45 0.31 11.44
C ILE A 121 14.56 -0.12 10.28
N SER A 122 13.36 -0.56 10.61
CA SER A 122 12.43 -0.95 9.51
C SER A 122 11.06 -0.31 9.72
N ALA A 123 10.29 -0.17 8.63
CA ALA A 123 8.88 0.12 8.67
C ALA A 123 8.20 -0.94 7.79
N ILE A 124 7.05 -1.37 8.23
CA ILE A 124 6.13 -2.10 7.34
C ILE A 124 4.75 -1.45 7.39
N PRO A 125 3.99 -1.56 6.29
CA PRO A 125 2.67 -0.87 6.28
C PRO A 125 1.67 -1.63 7.12
N ALA A 126 0.79 -0.90 7.81
CA ALA A 126 -0.30 -1.57 8.59
C ALA A 126 -1.46 -0.66 8.62
N ASN A 127 -2.65 -1.17 8.36
CA ASN A 127 -3.87 -0.44 8.67
CA ASN A 127 -3.86 -0.44 8.66
C ASN A 127 -4.17 -0.64 10.15
N ILE A 128 -4.39 0.46 10.90
CA ILE A 128 -4.53 0.45 12.31
C ILE A 128 -5.86 1.07 12.68
N HIS A 129 -6.55 0.39 13.58
CA HIS A 129 -7.81 0.89 14.11
CA HIS A 129 -7.80 0.92 14.11
C HIS A 129 -7.47 1.42 15.50
N ILE A 130 -7.68 2.73 15.69
CA ILE A 130 -7.38 3.35 16.99
C ILE A 130 -8.67 4.07 17.39
N TYR A 131 -9.31 3.57 18.45
CA TYR A 131 -10.63 4.07 18.87
C TYR A 131 -11.53 4.08 17.66
N ASP A 132 -12.08 5.23 17.22
CA ASP A 132 -13.05 5.26 16.13
C ASP A 132 -12.41 5.66 14.84
N THR A 133 -11.07 5.66 14.77
CA THR A 133 -10.44 5.91 13.50
C THR A 133 -9.71 4.69 12.96
N GLU A 134 -9.78 4.47 11.63
CA GLU A 134 -8.90 3.51 10.92
CA GLU A 134 -8.91 3.52 10.95
C GLU A 134 -8.01 4.30 10.01
N LYS A 135 -6.71 4.07 10.11
CA LYS A 135 -5.77 4.74 9.27
C LYS A 135 -4.62 3.90 8.79
N LYS A 136 -4.15 4.18 7.57
CA LYS A 136 -2.96 3.57 7.05
CA LYS A 136 -2.94 3.60 7.05
C LYS A 136 -1.77 4.18 7.82
N MET A 137 -0.98 3.34 8.50
CA MET A 137 0.17 3.76 9.26
C MET A 137 1.29 2.79 8.85
N VAL A 138 2.44 2.93 9.49
CA VAL A 138 3.50 1.94 9.51
C VAL A 138 3.71 1.39 10.90
N GLU A 139 4.26 0.18 10.98
CA GLU A 139 4.76 -0.35 12.28
C GLU A 139 6.27 -0.27 12.22
N ILE A 140 6.88 0.32 13.19
CA ILE A 140 8.34 0.43 13.26
C ILE A 140 8.90 -0.64 14.20
N ASN A 141 9.94 -1.32 13.75
CA ASN A 141 10.52 -2.46 14.52
C ASN A 141 11.95 -2.64 14.09
N PHE A 142 12.71 -3.42 14.86
CA PHE A 142 14.06 -3.81 14.60
C PHE A 142 15.07 -2.64 14.56
N LEU A 143 14.83 -1.59 15.33
CA LEU A 143 15.78 -0.51 15.45
C LEU A 143 16.95 -1.15 16.27
N CYS A 144 18.13 -0.97 15.75
CA CYS A 144 19.33 -1.61 16.34
C CYS A 144 20.53 -0.80 15.97
N VAL A 145 21.36 -0.44 16.97
CA VAL A 145 22.70 0.12 16.72
C VAL A 145 23.67 -0.80 17.40
N HIS A 146 24.74 -1.08 16.67
CA HIS A 146 25.81 -2.03 17.12
C HIS A 146 26.32 -1.49 18.49
N LYS A 147 26.63 -2.47 19.34
CA LYS A 147 27.16 -2.15 20.69
C LYS A 147 28.23 -1.12 20.72
N LYS A 148 29.12 -1.18 19.73
CA LYS A 148 30.33 -0.30 19.64
C LYS A 148 29.95 1.16 19.33
N LEU A 149 28.69 1.39 18.90
CA LEU A 149 28.19 2.69 18.39
C LEU A 149 27.14 3.28 19.27
N ARG A 150 26.92 2.64 20.40
CA ARG A 150 25.91 3.07 21.40
C ARG A 150 26.27 4.38 22.02
N SER A 151 25.24 5.11 22.44
CA SER A 151 25.27 6.37 23.15
C SER A 151 25.99 7.50 22.40
N LYS A 152 25.91 7.48 21.08
CA LYS A 152 26.43 8.45 20.18
C LYS A 152 25.31 9.19 19.39
N ARG A 153 24.04 9.02 19.78
CA ARG A 153 22.85 9.65 19.17
C ARG A 153 22.70 9.24 17.70
N VAL A 154 23.04 8.00 17.39
CA VAL A 154 22.74 7.42 16.07
C VAL A 154 21.27 7.06 16.01
N ALA A 155 20.67 6.59 17.10
CA ALA A 155 19.29 6.13 17.02
C ALA A 155 18.38 7.26 16.52
N PRO A 156 18.49 8.51 17.01
CA PRO A 156 17.48 9.52 16.52
C PRO A 156 17.72 9.79 15.03
N VAL A 157 18.92 9.54 14.50
CA VAL A 157 19.13 9.77 13.03
C VAL A 157 18.37 8.65 12.29
N LEU A 158 18.38 7.44 12.81
CA LEU A 158 17.70 6.32 12.15
C LEU A 158 16.22 6.59 12.25
N ILE A 159 15.72 7.09 13.41
CA ILE A 159 14.30 7.38 13.57
C ILE A 159 13.84 8.52 12.60
N ARG A 160 14.62 9.60 12.50
CA ARG A 160 14.27 10.65 11.55
C ARG A 160 14.33 10.18 10.14
N GLU A 161 15.31 9.36 9.80
CA GLU A 161 15.40 8.94 8.44
C GLU A 161 14.21 8.01 8.06
N ILE A 162 13.85 7.04 8.89
CA ILE A 162 12.70 6.22 8.51
C ILE A 162 11.46 7.14 8.43
N THR A 163 11.34 8.10 9.36
CA THR A 163 10.20 8.97 9.31
C THR A 163 10.10 9.66 7.98
N ARG A 164 11.19 10.27 7.54
CA ARG A 164 11.26 10.94 6.19
C ARG A 164 10.85 9.96 5.08
N ARG A 165 11.41 8.73 5.10
CA ARG A 165 11.11 7.76 4.00
C ARG A 165 9.63 7.36 4.04
N VAL A 166 9.02 7.37 5.26
CA VAL A 166 7.59 7.03 5.35
C VAL A 166 6.76 8.21 4.90
N HIS A 167 7.20 9.40 5.28
CA HIS A 167 6.47 10.66 4.77
C HIS A 167 6.46 10.71 3.30
N LEU A 168 7.51 10.27 2.63
CA LEU A 168 7.56 10.31 1.16
C LEU A 168 6.46 9.46 0.52
N GLU A 169 6.02 8.46 1.22
CA GLU A 169 4.90 7.61 0.80
C GLU A 169 3.52 8.12 1.25
N GLY A 170 3.45 9.23 1.90
CA GLY A 170 2.18 9.89 2.18
C GLY A 170 1.61 9.39 3.49
N ILE A 171 2.44 8.78 4.32
CA ILE A 171 1.94 8.24 5.59
C ILE A 171 2.49 9.09 6.74
N PHE A 172 1.64 9.45 7.73
CA PHE A 172 2.02 10.40 8.75
C PHE A 172 1.86 9.93 10.15
N GLN A 173 1.37 8.66 10.28
CA GLN A 173 1.29 8.02 11.59
C GLN A 173 2.04 6.68 11.65
N ALA A 174 2.44 6.29 12.86
CA ALA A 174 3.13 4.99 13.02
C ALA A 174 2.75 4.48 14.38
N VAL A 175 2.87 3.16 14.52
CA VAL A 175 2.71 2.48 15.79
C VAL A 175 4.01 1.74 16.08
N TYR A 176 4.41 1.67 17.37
CA TYR A 176 5.71 1.00 17.73
C TYR A 176 5.63 0.63 19.23
N THR A 177 6.40 -0.40 19.55
CA THR A 177 6.50 -0.78 20.97
C THR A 177 7.96 -0.63 21.40
N ALA A 178 8.19 -0.40 22.70
CA ALA A 178 9.54 -0.51 23.25
C ALA A 178 9.57 -0.84 24.73
N GLY A 179 10.72 -1.33 25.25
CA GLY A 179 10.82 -1.63 26.69
C GLY A 179 10.92 -0.34 27.49
N VAL A 180 11.50 0.70 26.89
CA VAL A 180 11.83 1.91 27.61
C VAL A 180 10.70 2.88 27.59
N VAL A 181 10.59 3.74 28.62
CA VAL A 181 9.53 4.78 28.67
C VAL A 181 9.94 6.01 27.88
N LEU A 182 9.09 6.40 26.93
CA LEU A 182 9.38 7.53 26.00
C LEU A 182 8.10 8.32 26.05
N PRO A 183 8.10 9.60 25.63
CA PRO A 183 6.82 10.30 25.50
C PRO A 183 6.04 9.70 24.32
N LYS A 184 4.78 9.29 24.51
CA LYS A 184 4.06 9.00 25.72
C LYS A 184 3.28 7.69 25.45
N PRO A 185 3.39 6.69 26.37
CA PRO A 185 2.73 5.40 26.06
C PRO A 185 1.22 5.60 25.92
N VAL A 186 0.64 4.89 24.97
CA VAL A 186 -0.78 4.81 24.81
CA VAL A 186 -0.80 4.83 24.84
C VAL A 186 -1.27 3.56 25.56
N GLY A 187 -0.35 2.62 25.83
CA GLY A 187 -0.70 1.43 26.70
C GLY A 187 0.56 0.82 27.26
N THR A 188 0.44 0.12 28.38
CA THR A 188 1.57 -0.50 29.01
C THR A 188 1.16 -1.93 29.27
N CYS A 189 1.91 -2.87 28.72
CA CYS A 189 1.72 -4.31 29.00
C CYS A 189 2.85 -5.03 29.75
N ARG A 190 2.53 -5.85 30.76
CA ARG A 190 3.57 -6.69 31.39
C ARG A 190 3.70 -7.95 30.57
N TYR A 191 4.90 -8.43 30.41
CA TYR A 191 5.02 -9.78 29.90
C TYR A 191 5.04 -10.82 31.01
N TRP A 192 4.56 -12.01 30.67
CA TRP A 192 4.49 -13.15 31.58
C TRP A 192 5.04 -14.42 30.89
N HIS A 193 5.45 -15.44 31.67
CA HIS A 193 6.20 -16.52 31.15
C HIS A 193 5.62 -17.81 31.76
N ARG A 194 5.36 -18.78 30.91
CA ARG A 194 4.87 -20.10 31.38
C ARG A 194 5.93 -21.11 31.12
N SER A 195 6.44 -21.62 32.24
CA SER A 195 7.49 -22.63 32.17
CA SER A 195 7.49 -22.59 32.18
C SER A 195 7.03 -23.92 31.52
N LEU A 196 7.82 -24.44 30.54
CA LEU A 196 7.50 -25.71 29.88
C LEU A 196 8.61 -26.66 30.19
N ASN A 197 9.86 -26.20 30.35
CA ASN A 197 10.97 -27.10 30.66
C ASN A 197 11.73 -26.49 31.86
N PRO A 198 11.17 -26.66 33.08
CA PRO A 198 11.73 -25.92 34.26
C PRO A 198 13.16 -26.32 34.63
N ARG A 199 13.60 -27.54 34.38
CA ARG A 199 14.93 -27.84 34.81
CA ARG A 199 14.96 -27.87 34.80
C ARG A 199 15.85 -26.93 34.00
N LYS A 200 15.61 -26.80 32.69
CA LYS A 200 16.50 -25.98 31.85
C LYS A 200 16.39 -24.51 32.24
N LEU A 201 15.15 -24.03 32.43
CA LEU A 201 14.94 -22.65 32.73
C LEU A 201 15.70 -22.27 34.01
N ILE A 202 15.71 -23.20 34.98
CA ILE A 202 16.42 -22.91 36.24
CA ILE A 202 16.41 -22.91 36.24
C ILE A 202 17.91 -23.03 36.05
N GLU A 203 18.42 -24.05 35.34
CA GLU A 203 19.89 -24.20 35.07
CA GLU A 203 19.87 -24.14 35.16
C GLU A 203 20.46 -22.94 34.42
N VAL A 204 19.67 -22.34 33.52
CA VAL A 204 20.24 -21.16 32.78
C VAL A 204 19.81 -19.86 33.44
N LYS A 205 19.08 -19.97 34.54
CA LYS A 205 18.67 -18.82 35.36
C LYS A 205 17.74 -17.82 34.69
N PHE A 206 16.95 -18.32 33.71
CA PHE A 206 15.77 -17.61 33.33
C PHE A 206 14.75 -17.56 34.47
N SER A 207 14.61 -18.67 35.22
CA SER A 207 13.66 -18.81 36.31
C SER A 207 14.52 -19.19 37.55
N HIS A 208 13.94 -19.12 38.73
CA HIS A 208 14.53 -19.77 39.91
C HIS A 208 13.53 -20.72 40.52
N LEU A 209 14.07 -21.65 41.32
CA LEU A 209 13.32 -22.65 42.04
C LEU A 209 12.71 -21.86 43.18
N SER A 210 11.42 -21.91 43.40
CA SER A 210 10.96 -21.33 44.68
C SER A 210 11.74 -21.87 45.91
N ARG A 211 12.08 -20.98 46.85
CA ARG A 211 12.57 -21.39 48.17
C ARG A 211 11.65 -22.43 48.87
N ASN A 212 10.35 -22.44 48.48
CA ASN A 212 9.30 -23.23 49.02
C ASN A 212 8.89 -24.52 48.18
N MET A 213 9.60 -24.74 47.07
CA MET A 213 9.31 -25.89 46.21
CA MET A 213 9.29 -25.88 46.20
C MET A 213 10.60 -26.55 45.83
N THR A 214 10.62 -27.87 45.84
CA THR A 214 11.83 -28.59 45.36
C THR A 214 11.77 -28.70 43.83
N MET A 215 12.87 -29.15 43.23
CA MET A 215 12.90 -29.37 41.79
CA MET A 215 12.91 -29.38 41.78
C MET A 215 11.88 -30.42 41.37
N GLN A 216 11.87 -31.56 42.12
CA GLN A 216 10.88 -32.61 41.85
C GLN A 216 9.46 -32.03 41.82
N ARG A 217 9.10 -31.18 42.81
CA ARG A 217 7.77 -30.56 42.89
CA ARG A 217 7.75 -30.63 42.85
C ARG A 217 7.59 -29.60 41.72
N THR A 218 8.65 -28.88 41.41
CA THR A 218 8.55 -27.91 40.31
C THR A 218 8.22 -28.66 39.00
N MET A 219 8.87 -29.77 38.70
CA MET A 219 8.57 -30.51 37.45
CA MET A 219 8.57 -30.55 37.45
C MET A 219 7.09 -30.95 37.40
N LYS A 220 6.58 -31.41 38.54
CA LYS A 220 5.21 -31.87 38.58
C LYS A 220 4.27 -30.70 38.43
N LEU A 221 4.66 -29.56 38.95
CA LEU A 221 3.73 -28.45 38.90
C LEU A 221 3.49 -28.00 37.41
N TYR A 222 4.53 -28.11 36.61
CA TYR A 222 4.59 -27.59 35.23
C TYR A 222 4.24 -28.64 34.18
N ARG A 223 4.02 -29.86 34.63
CA ARG A 223 3.86 -30.95 33.70
C ARG A 223 2.56 -30.71 32.96
N LEU A 224 2.53 -31.06 31.68
CA LEU A 224 1.33 -30.95 30.87
C LEU A 224 1.02 -32.27 30.19
N PRO A 225 -0.23 -32.48 29.75
CA PRO A 225 -0.56 -33.65 28.95
C PRO A 225 0.17 -33.68 27.62
N GLU A 226 0.14 -34.83 26.96
CA GLU A 226 0.94 -35.01 25.78
C GLU A 226 0.21 -34.61 24.53
N THR A 227 -1.11 -34.41 24.63
CA THR A 227 -1.89 -34.03 23.46
C THR A 227 -2.98 -33.09 23.93
N PRO A 228 -3.38 -32.13 23.08
CA PRO A 228 -4.32 -31.11 23.47
C PRO A 228 -5.71 -31.68 23.78
N LYS A 229 -6.50 -30.97 24.59
CA LYS A 229 -7.80 -31.45 25.03
C LYS A 229 -8.92 -31.15 23.98
N THR A 230 -8.88 -30.02 23.25
CA THR A 230 -10.04 -29.60 22.52
C THR A 230 -10.25 -30.44 21.24
N ALA A 231 -11.47 -30.95 21.10
CA ALA A 231 -11.82 -31.76 19.96
C ALA A 231 -11.68 -30.97 18.65
N GLY A 232 -11.13 -31.58 17.60
CA GLY A 232 -11.18 -30.96 16.29
C GLY A 232 -10.09 -29.92 16.04
N LEU A 233 -9.14 -29.83 16.98
CA LEU A 233 -8.00 -28.95 16.79
C LEU A 233 -7.06 -29.45 15.69
N ARG A 234 -6.68 -28.60 14.78
CA ARG A 234 -5.76 -29.05 13.71
C ARG A 234 -4.99 -27.84 13.15
N PRO A 235 -3.84 -28.07 12.45
CA PRO A 235 -3.17 -26.86 11.94
C PRO A 235 -4.11 -26.17 10.91
N MET A 236 -3.96 -24.86 10.81
CA MET A 236 -4.58 -24.05 9.74
C MET A 236 -4.04 -24.46 8.37
N GLU A 237 -4.99 -24.59 7.42
CA GLU A 237 -4.72 -24.91 6.02
C GLU A 237 -5.17 -23.75 5.12
N THR A 238 -4.83 -23.83 3.84
CA THR A 238 -5.16 -22.74 2.88
C THR A 238 -6.71 -22.55 2.88
N LYS A 239 -7.49 -23.61 2.98
CA LYS A 239 -8.92 -23.40 2.93
C LYS A 239 -9.44 -22.67 4.11
N ASP A 240 -8.66 -22.47 5.15
CA ASP A 240 -9.16 -21.80 6.35
C ASP A 240 -8.88 -20.31 6.27
N ILE A 241 -8.10 -19.83 5.31
CA ILE A 241 -7.74 -18.38 5.30
C ILE A 241 -8.99 -17.44 5.40
N PRO A 242 -10.07 -17.72 4.66
CA PRO A 242 -11.19 -16.74 4.77
C PRO A 242 -11.86 -16.77 6.14
N VAL A 243 -12.13 -17.96 6.70
CA VAL A 243 -12.80 -17.96 7.99
C VAL A 243 -11.87 -17.39 9.11
N VAL A 244 -10.57 -17.64 9.04
CA VAL A 244 -9.58 -17.05 10.02
C VAL A 244 -9.67 -15.50 9.90
N HIS A 245 -9.70 -15.01 8.69
CA HIS A 245 -9.86 -13.59 8.47
C HIS A 245 -11.21 -13.09 9.07
N GLN A 246 -12.31 -13.81 8.79
CA GLN A 246 -13.62 -13.36 9.34
C GLN A 246 -13.62 -13.39 10.87
N LEU A 247 -13.11 -14.49 11.47
CA LEU A 247 -13.11 -14.59 12.92
C LEU A 247 -12.30 -13.47 13.60
N LEU A 248 -11.13 -13.19 13.05
CA LEU A 248 -10.20 -12.25 13.66
C LEU A 248 -10.80 -10.84 13.52
N THR A 249 -11.36 -10.54 12.36
CA THR A 249 -11.99 -9.19 12.16
C THR A 249 -13.05 -8.91 13.20
N ARG A 250 -13.97 -9.85 13.36
CA ARG A 250 -14.99 -9.72 14.41
C ARG A 250 -14.46 -9.66 15.82
N TYR A 251 -13.47 -10.53 16.14
CA TYR A 251 -12.99 -10.62 17.50
C TYR A 251 -12.28 -9.31 17.94
N LEU A 252 -11.55 -8.69 17.02
CA LEU A 252 -10.77 -7.50 17.31
C LEU A 252 -11.59 -6.26 17.61
N LYS A 253 -12.86 -6.23 17.15
CA LYS A 253 -13.71 -5.00 17.30
C LYS A 253 -13.82 -4.59 18.74
N GLN A 254 -13.62 -5.51 19.68
CA GLN A 254 -13.80 -5.22 21.11
C GLN A 254 -12.61 -4.43 21.75
N PHE A 255 -11.49 -4.30 21.00
CA PHE A 255 -10.28 -3.61 21.53
C PHE A 255 -10.14 -2.24 20.93
N HIS A 256 -9.29 -1.40 21.55
CA HIS A 256 -9.22 -0.03 21.08
C HIS A 256 -8.01 0.23 20.21
N LEU A 257 -7.02 -0.68 20.23
CA LEU A 257 -5.91 -0.55 19.28
C LEU A 257 -5.71 -1.91 18.62
N THR A 258 -5.94 -1.95 17.32
CA THR A 258 -5.90 -3.28 16.64
C THR A 258 -5.45 -3.09 15.24
N PRO A 259 -4.93 -4.16 14.58
CA PRO A 259 -4.68 -4.12 13.12
C PRO A 259 -6.00 -4.36 12.41
N VAL A 260 -6.02 -3.97 11.16
CA VAL A 260 -7.09 -4.29 10.25
C VAL A 260 -6.37 -5.00 9.08
N MET A 261 -6.63 -6.28 8.91
CA MET A 261 -5.89 -7.05 7.95
C MET A 261 -6.81 -7.52 6.83
N SER A 262 -6.26 -7.39 5.65
CA SER A 262 -6.89 -7.96 4.47
C SER A 262 -6.80 -9.50 4.51
N GLN A 263 -7.48 -10.16 3.55
CA GLN A 263 -7.38 -11.60 3.52
C GLN A 263 -5.92 -11.98 3.15
N GLU A 264 -5.27 -11.20 2.29
CA GLU A 264 -3.83 -11.53 1.95
C GLU A 264 -2.98 -11.34 3.17
N GLU A 265 -3.23 -10.33 4.04
CA GLU A 265 -2.37 -10.13 5.24
C GLU A 265 -2.66 -11.30 6.24
N VAL A 266 -3.89 -11.79 6.31
CA VAL A 266 -4.18 -12.90 7.23
C VAL A 266 -3.45 -14.11 6.70
N GLU A 267 -3.37 -14.36 5.40
CA GLU A 267 -2.62 -15.51 4.98
CA GLU A 267 -2.57 -15.48 4.88
C GLU A 267 -1.13 -15.30 5.39
N HIS A 268 -0.61 -14.12 5.17
CA HIS A 268 0.85 -13.93 5.55
C HIS A 268 1.11 -14.14 7.03
N TRP A 269 0.25 -13.57 7.87
CA TRP A 269 0.56 -13.57 9.28
C TRP A 269 0.18 -14.86 10.00
N PHE A 270 -0.67 -15.70 9.42
CA PHE A 270 -1.14 -16.87 10.13
C PHE A 270 -0.87 -18.20 9.43
N TYR A 271 -0.64 -18.23 8.12
CA TYR A 271 -0.49 -19.51 7.50
C TYR A 271 0.78 -20.18 8.06
N PRO A 272 0.67 -21.40 8.55
CA PRO A 272 1.87 -21.93 9.26
C PRO A 272 3.11 -22.06 8.44
N GLN A 273 4.21 -21.70 9.11
CA GLN A 273 5.55 -21.84 8.58
C GLN A 273 6.37 -22.43 9.74
N GLU A 274 6.92 -23.63 9.55
CA GLU A 274 7.57 -24.30 10.69
CA GLU A 274 7.69 -24.36 10.56
C GLU A 274 8.74 -23.39 11.22
N ASN A 275 8.75 -23.31 12.57
CA ASN A 275 9.80 -22.60 13.29
C ASN A 275 9.71 -21.12 13.10
N ILE A 276 8.50 -20.65 12.67
CA ILE A 276 8.21 -19.23 12.56
C ILE A 276 6.87 -18.90 13.19
N ILE A 277 5.81 -19.44 12.60
CA ILE A 277 4.44 -19.17 12.98
C ILE A 277 3.65 -20.48 12.95
N ASP A 278 2.95 -20.70 13.99
CA ASP A 278 1.98 -21.81 14.12
C ASP A 278 0.57 -21.24 14.40
N THR A 279 -0.40 -21.82 13.66
CA THR A 279 -1.80 -21.48 13.87
C THR A 279 -2.55 -22.76 13.81
N PHE A 280 -3.41 -22.96 14.80
CA PHE A 280 -4.28 -24.16 14.84
C PHE A 280 -5.68 -23.69 14.97
N VAL A 281 -6.57 -24.32 14.18
CA VAL A 281 -7.97 -23.93 14.24
C VAL A 281 -8.77 -25.07 14.89
N VAL A 282 -9.97 -24.74 15.35
CA VAL A 282 -10.85 -25.77 15.88
C VAL A 282 -11.98 -25.93 14.82
N GLU A 283 -12.10 -27.16 14.34
CA GLU A 283 -13.12 -27.53 13.32
C GLU A 283 -14.08 -28.45 13.94
N ASN A 284 -15.32 -27.98 14.09
CA ASN A 284 -16.38 -28.70 14.87
C ASN A 284 -17.00 -29.87 14.08
N ALA A 285 -17.99 -30.50 14.73
CA ALA A 285 -18.63 -31.72 14.18
C ALA A 285 -19.43 -31.52 12.90
N ASN A 286 -19.63 -30.23 12.59
CA ASN A 286 -20.34 -29.75 11.41
C ASN A 286 -19.38 -29.34 10.29
N GLY A 287 -18.05 -29.36 10.58
CA GLY A 287 -17.10 -28.90 9.61
C GLY A 287 -16.81 -27.42 9.66
N GLU A 288 -17.33 -26.71 10.66
CA GLU A 288 -17.13 -25.22 10.74
CA GLU A 288 -17.14 -25.25 10.76
C GLU A 288 -15.95 -24.90 11.64
N VAL A 289 -15.12 -23.97 11.20
CA VAL A 289 -14.05 -23.46 12.07
C VAL A 289 -14.59 -22.35 12.96
N THR A 290 -14.42 -22.53 14.26
CA THR A 290 -15.01 -21.64 15.26
C THR A 290 -14.03 -20.86 16.10
N ASP A 291 -12.77 -21.28 16.12
CA ASP A 291 -11.76 -20.73 17.04
C ASP A 291 -10.41 -20.96 16.37
N PHE A 292 -9.41 -20.16 16.82
CA PHE A 292 -8.01 -20.46 16.43
C PHE A 292 -7.05 -19.87 17.44
N LEU A 293 -5.90 -20.51 17.51
CA LEU A 293 -4.83 -20.08 18.42
CA LEU A 293 -4.83 -20.06 18.42
C LEU A 293 -3.59 -19.89 17.54
N SER A 294 -2.70 -18.99 17.94
CA SER A 294 -1.47 -18.81 17.13
C SER A 294 -0.31 -18.36 18.05
N PHE A 295 0.86 -18.78 17.68
CA PHE A 295 2.05 -18.32 18.40
C PHE A 295 3.23 -18.38 17.47
N TYR A 296 4.17 -17.44 17.68
CA TYR A 296 5.32 -17.38 16.84
C TYR A 296 6.55 -17.89 17.62
N THR A 297 7.51 -18.30 16.86
CA THR A 297 8.79 -18.94 17.38
C THR A 297 9.89 -17.88 17.45
N LEU A 298 10.41 -17.55 18.68
CA LEU A 298 11.53 -16.61 18.73
C LEU A 298 12.51 -17.09 19.88
N PRO A 299 13.61 -17.72 19.51
CA PRO A 299 14.58 -18.15 20.53
C PRO A 299 15.39 -16.94 21.03
N SER A 300 15.94 -17.12 22.24
CA SER A 300 16.92 -16.18 22.75
C SER A 300 18.23 -16.84 23.01
N THR A 301 19.30 -16.19 22.66
CA THR A 301 20.68 -16.65 22.97
C THR A 301 20.87 -16.49 24.45
N ILE A 302 21.49 -17.54 25.02
CA ILE A 302 21.79 -17.53 26.47
C ILE A 302 23.25 -17.12 26.52
N MET A 303 23.50 -15.89 26.96
CA MET A 303 24.80 -15.21 26.76
CA MET A 303 24.85 -15.29 26.75
C MET A 303 25.86 -15.85 27.67
N ASN A 304 27.06 -16.10 27.09
CA ASN A 304 28.21 -16.46 27.91
C ASN A 304 27.93 -17.69 28.74
N HIS A 305 27.05 -18.60 28.31
CA HIS A 305 26.78 -19.80 29.05
C HIS A 305 27.49 -21.02 28.50
N PRO A 306 28.20 -21.82 29.33
CA PRO A 306 28.98 -22.91 28.76
C PRO A 306 28.21 -24.10 28.15
N THR A 307 27.02 -24.36 28.70
CA THR A 307 26.25 -25.56 28.34
C THR A 307 25.11 -25.22 27.37
N HIS A 308 24.02 -24.74 27.92
CA HIS A 308 22.83 -24.39 27.12
C HIS A 308 23.14 -23.11 26.40
N LYS A 309 22.94 -23.14 25.08
CA LYS A 309 23.23 -21.97 24.20
C LYS A 309 21.97 -21.17 23.80
N SER A 310 20.79 -21.78 23.89
CA SER A 310 19.61 -21.10 23.27
C SER A 310 18.42 -21.46 24.06
N LEU A 311 17.56 -20.50 24.36
CA LEU A 311 16.36 -20.69 25.04
C LEU A 311 15.20 -20.72 24.01
N LYS A 312 14.40 -21.80 23.92
CA LYS A 312 13.43 -21.91 22.84
CA LYS A 312 13.39 -21.98 22.84
C LYS A 312 12.13 -21.39 23.37
N ALA A 313 11.64 -20.27 22.80
CA ALA A 313 10.48 -19.58 23.33
C ALA A 313 9.40 -19.45 22.26
N ALA A 314 8.15 -19.70 22.66
CA ALA A 314 6.99 -19.47 21.82
C ALA A 314 6.36 -18.27 22.38
N TYR A 315 5.73 -17.44 21.49
CA TYR A 315 5.07 -16.22 21.91
C TYR A 315 3.65 -16.23 21.41
N SER A 316 2.73 -15.99 22.34
CA SER A 316 1.28 -15.85 22.04
C SER A 316 1.04 -14.72 21.05
N PHE A 317 0.28 -15.01 19.97
CA PHE A 317 0.14 -14.03 18.91
C PHE A 317 -1.33 -13.56 18.97
N TYR A 318 -2.20 -14.08 18.08
CA TYR A 318 -3.63 -13.78 18.20
C TYR A 318 -4.40 -15.09 18.46
N ASN A 319 -5.29 -15.07 19.45
CA ASN A 319 -6.13 -16.21 19.86
C ASN A 319 -7.56 -15.79 19.83
N VAL A 320 -8.37 -16.44 19.01
CA VAL A 320 -9.73 -16.03 18.79
C VAL A 320 -10.60 -17.20 19.29
N HIS A 321 -11.55 -16.86 20.18
CA HIS A 321 -12.51 -17.88 20.64
C HIS A 321 -13.94 -17.38 20.36
N THR A 322 -14.80 -18.29 19.84
CA THR A 322 -16.21 -18.05 19.76
C THR A 322 -17.01 -19.20 20.35
N GLN A 323 -16.42 -20.43 20.41
CA GLN A 323 -17.13 -21.66 20.89
CA GLN A 323 -17.16 -21.63 20.90
C GLN A 323 -16.33 -22.45 21.89
N THR A 324 -15.01 -22.36 21.84
CA THR A 324 -14.14 -23.04 22.76
C THR A 324 -13.72 -22.01 23.80
N PRO A 325 -13.77 -22.34 25.08
CA PRO A 325 -13.38 -21.26 26.01
C PRO A 325 -11.90 -20.85 25.78
N LEU A 326 -11.59 -19.58 25.98
CA LEU A 326 -10.19 -19.16 25.80
C LEU A 326 -9.23 -19.96 26.71
N LEU A 327 -9.63 -20.21 27.96
CA LEU A 327 -8.82 -21.03 28.88
C LEU A 327 -8.31 -22.34 28.27
N ASP A 328 -9.22 -23.09 27.60
CA ASP A 328 -8.89 -24.31 26.94
C ASP A 328 -8.06 -24.11 25.67
N LEU A 329 -8.33 -23.08 24.91
CA LEU A 329 -7.51 -22.73 23.74
C LEU A 329 -6.09 -22.47 24.18
N MET A 330 -5.91 -21.72 25.29
CA MET A 330 -4.54 -21.49 25.79
C MET A 330 -3.87 -22.68 26.43
N SER A 331 -4.68 -23.56 27.09
CA SER A 331 -4.09 -24.84 27.54
C SER A 331 -3.59 -25.66 26.38
N ASP A 332 -4.35 -25.66 25.30
CA ASP A 332 -3.99 -26.32 24.04
CA ASP A 332 -3.88 -26.40 24.16
C ASP A 332 -2.68 -25.78 23.46
N ALA A 333 -2.58 -24.43 23.45
CA ALA A 333 -1.34 -23.80 22.96
C ALA A 333 -0.11 -24.22 23.79
N LEU A 334 -0.28 -24.30 25.16
CA LEU A 334 0.84 -24.80 25.93
C LEU A 334 1.27 -26.18 25.64
N VAL A 335 0.26 -27.06 25.44
CA VAL A 335 0.48 -28.47 25.16
C VAL A 335 1.23 -28.59 23.81
N LEU A 336 0.73 -27.79 22.82
CA LEU A 336 1.32 -27.86 21.47
C LEU A 336 2.74 -27.33 21.51
N ALA A 337 2.98 -26.26 22.31
CA ALA A 337 4.33 -25.71 22.41
C ALA A 337 5.25 -26.70 23.09
N LYS A 338 4.77 -27.33 24.17
CA LYS A 338 5.59 -28.34 24.81
CA LYS A 338 5.56 -28.36 24.82
C LYS A 338 5.92 -29.45 23.83
N MET A 339 4.93 -29.95 23.06
CA MET A 339 5.19 -31.01 22.04
C MET A 339 6.26 -30.62 21.05
N LYS A 340 6.29 -29.32 20.70
CA LYS A 340 7.21 -28.86 19.64
C LYS A 340 8.62 -28.51 20.21
N GLY A 341 8.86 -28.84 21.46
CA GLY A 341 10.22 -28.66 22.03
C GLY A 341 10.51 -27.33 22.71
N PHE A 342 9.50 -26.46 22.89
CA PHE A 342 9.74 -25.12 23.47
C PHE A 342 10.05 -25.27 24.96
N ASP A 343 10.89 -24.35 25.43
CA ASP A 343 11.19 -24.23 26.87
C ASP A 343 10.26 -23.38 27.65
N VAL A 344 9.62 -22.38 27.02
CA VAL A 344 8.87 -21.47 27.73
C VAL A 344 7.80 -20.92 26.73
N PHE A 345 6.66 -20.53 27.23
CA PHE A 345 5.55 -19.92 26.47
C PHE A 345 5.32 -18.52 27.01
N ASN A 346 5.49 -17.48 26.17
CA ASN A 346 5.44 -16.10 26.60
C ASN A 346 4.18 -15.43 26.12
N ALA A 347 3.65 -14.56 26.93
CA ALA A 347 2.49 -13.78 26.57
C ALA A 347 2.41 -12.45 27.26
N LEU A 348 1.74 -11.46 26.66
CA LEU A 348 1.50 -10.15 27.29
C LEU A 348 0.14 -10.16 27.99
N ASP A 349 -0.12 -9.17 28.85
CA ASP A 349 -1.39 -9.11 29.54
C ASP A 349 -2.46 -8.33 28.80
N LEU A 350 -2.29 -8.24 27.47
CA LEU A 350 -3.20 -7.50 26.58
C LEU A 350 -4.43 -8.38 26.17
N MET A 351 -5.35 -7.79 25.43
CA MET A 351 -6.58 -8.48 25.01
C MET A 351 -7.20 -9.16 26.27
N GLU A 352 -7.64 -10.40 26.21
CA GLU A 352 -8.28 -11.06 27.39
C GLU A 352 -7.32 -11.97 28.13
N ASN A 353 -6.01 -11.73 27.97
CA ASN A 353 -5.01 -12.62 28.53
C ASN A 353 -5.05 -12.71 30.05
N LYS A 354 -5.37 -11.57 30.69
CA LYS A 354 -5.40 -11.58 32.18
C LYS A 354 -6.38 -12.60 32.68
N THR A 355 -7.37 -12.97 31.84
CA THR A 355 -8.32 -14.08 32.22
C THR A 355 -7.68 -15.45 32.39
N PHE A 356 -6.59 -15.71 31.70
CA PHE A 356 -5.90 -16.97 31.87
C PHE A 356 -4.48 -17.05 32.47
N LEU A 357 -3.71 -15.95 32.57
CA LEU A 357 -2.28 -16.08 32.89
C LEU A 357 -2.00 -16.83 34.21
N GLU A 358 -2.71 -16.42 35.29
CA GLU A 358 -2.49 -17.03 36.63
C GLU A 358 -3.01 -18.48 36.68
N LYS A 359 -4.18 -18.66 36.14
CA LYS A 359 -4.85 -19.95 36.07
C LYS A 359 -4.04 -20.96 35.40
N LEU A 360 -3.26 -20.56 34.36
CA LEU A 360 -2.38 -21.44 33.61
C LEU A 360 -0.93 -21.45 33.98
N LYS A 361 -0.69 -20.89 35.18
CA LYS A 361 0.59 -21.01 35.83
C LYS A 361 1.68 -20.16 35.15
N PHE A 362 1.29 -19.09 34.46
CA PHE A 362 2.32 -18.15 34.06
C PHE A 362 2.87 -17.43 35.30
N GLY A 363 4.14 -17.08 35.24
CA GLY A 363 4.69 -16.15 36.23
C GLY A 363 4.98 -14.78 35.57
N ILE A 364 4.77 -13.69 36.30
CA ILE A 364 5.01 -12.31 35.81
C ILE A 364 6.46 -12.05 35.60
N GLY A 365 6.75 -11.34 34.50
CA GLY A 365 8.17 -11.11 34.26
C GLY A 365 8.63 -9.79 34.92
N ASP A 366 9.81 -9.29 34.52
CA ASP A 366 10.44 -8.20 35.28
C ASP A 366 10.39 -6.87 34.53
N GLY A 367 9.48 -6.73 33.56
CA GLY A 367 9.44 -5.48 32.78
C GLY A 367 8.13 -5.25 32.02
N ASN A 368 8.08 -4.07 31.40
CA ASN A 368 6.95 -3.57 30.62
CA ASN A 368 6.93 -3.66 30.63
C ASN A 368 7.26 -3.55 29.11
N LEU A 369 6.24 -3.74 28.26
CA LEU A 369 6.39 -3.45 26.83
C LEU A 369 5.39 -2.28 26.67
N GLN A 370 5.89 -1.08 26.33
CA GLN A 370 5.08 0.08 26.10
CA GLN A 370 4.96 0.03 26.12
C GLN A 370 4.60 0.16 24.67
N TYR A 371 3.38 0.65 24.42
CA TYR A 371 2.82 0.87 23.12
C TYR A 371 2.73 2.31 22.82
N TYR A 372 3.06 2.70 21.60
CA TYR A 372 3.16 4.13 21.22
C TYR A 372 2.57 4.39 19.82
N LEU A 373 1.97 5.59 19.65
CA LEU A 373 1.68 6.13 18.35
C LEU A 373 2.57 7.37 18.09
N TYR A 374 2.95 7.48 16.83
CA TYR A 374 3.64 8.63 16.38
C TYR A 374 2.63 9.56 15.70
N ASN A 375 2.61 10.83 16.14
CA ASN A 375 1.69 11.80 15.49
C ASN A 375 0.21 11.46 15.51
N TRP A 376 -0.21 10.87 16.65
CA TRP A 376 -1.62 10.71 16.89
C TRP A 376 -1.89 10.87 18.39
N LYS A 377 -2.68 11.84 18.77
CA LYS A 377 -2.99 11.92 20.20
CA LYS A 377 -3.06 12.08 20.17
C LYS A 377 -4.35 11.33 20.45
N CYS A 378 -4.43 10.58 21.56
CA CYS A 378 -5.68 9.91 21.94
C CYS A 378 -5.53 9.58 23.43
N PRO A 379 -6.66 9.27 24.15
CA PRO A 379 -6.35 8.83 25.53
C PRO A 379 -5.64 7.47 25.63
N SER A 380 -4.86 7.26 26.69
CA SER A 380 -4.18 6.01 26.90
C SER A 380 -5.24 4.96 27.31
N MET A 381 -4.88 3.68 27.30
CA MET A 381 -5.90 2.61 27.50
C MET A 381 -5.29 1.58 28.39
N GLY A 382 -6.15 0.80 29.09
CA GLY A 382 -5.62 -0.31 29.94
C GLY A 382 -5.11 -1.45 29.02
N ALA A 383 -4.26 -2.34 29.59
CA ALA A 383 -3.68 -3.47 28.81
C ALA A 383 -4.75 -4.30 28.10
N GLU A 384 -5.92 -4.46 28.77
CA GLU A 384 -7.04 -5.28 28.28
CA GLU A 384 -7.00 -5.32 28.25
C GLU A 384 -7.64 -4.77 26.99
N LYS A 385 -7.31 -3.52 26.63
CA LYS A 385 -7.93 -2.90 25.47
CA LYS A 385 -7.93 -2.88 25.50
C LYS A 385 -6.96 -2.80 24.29
N VAL A 386 -5.70 -3.19 24.54
CA VAL A 386 -4.64 -3.25 23.51
C VAL A 386 -4.89 -4.58 22.76
N GLY A 387 -5.06 -4.50 21.46
CA GLY A 387 -5.39 -5.70 20.59
C GLY A 387 -4.41 -5.82 19.41
N LEU A 388 -3.14 -5.56 19.68
CA LEU A 388 -2.17 -5.51 18.63
C LEU A 388 -0.87 -6.18 19.17
N VAL A 389 -0.26 -7.11 18.41
CA VAL A 389 0.90 -7.80 18.81
C VAL A 389 1.90 -7.59 17.69
N LEU A 390 3.08 -7.11 18.07
CA LEU A 390 4.15 -6.91 17.10
C LEU A 390 5.26 -7.94 17.42
N GLN A 391 5.99 -8.37 16.39
CA GLN A 391 7.01 -9.46 16.55
C GLN A 391 8.24 -8.96 17.30
N LYS B 9 -30.13 1.28 -22.99
CA LYS B 9 -30.65 -0.10 -23.28
C LYS B 9 -31.52 -0.62 -22.13
N ARG B 10 -32.43 -1.58 -22.40
CA ARG B 10 -33.38 -2.12 -21.41
C ARG B 10 -32.64 -2.55 -20.16
N SER B 11 -31.49 -3.17 -20.36
CA SER B 11 -30.82 -3.77 -19.23
C SER B 11 -29.40 -4.25 -19.55
N TYR B 12 -28.69 -4.46 -18.46
CA TYR B 12 -27.20 -4.75 -18.43
C TYR B 12 -27.10 -6.06 -17.67
N GLN B 13 -26.96 -7.14 -18.44
CA GLN B 13 -26.94 -8.49 -17.85
C GLN B 13 -25.87 -8.55 -16.72
N PHE B 14 -24.66 -8.03 -17.01
CA PHE B 14 -23.61 -8.07 -15.96
C PHE B 14 -23.76 -6.89 -15.02
N TRP B 15 -23.79 -5.66 -15.58
CA TRP B 15 -23.80 -4.55 -14.64
C TRP B 15 -24.91 -4.40 -13.64
N ASP B 16 -26.14 -4.88 -13.98
CA ASP B 16 -27.19 -4.88 -12.96
C ASP B 16 -26.96 -5.78 -11.76
N THR B 17 -25.98 -6.68 -11.84
CA THR B 17 -25.64 -7.48 -10.69
C THR B 17 -24.62 -6.81 -9.74
N GLN B 18 -24.03 -5.69 -10.19
CA GLN B 18 -22.86 -5.12 -9.45
C GLN B 18 -23.24 -4.05 -8.48
N PRO B 19 -22.40 -3.75 -7.53
CA PRO B 19 -22.66 -2.70 -6.52
C PRO B 19 -22.36 -1.31 -7.14
N VAL B 20 -23.20 -0.89 -8.10
CA VAL B 20 -23.16 0.47 -8.80
C VAL B 20 -24.61 1.01 -8.77
N PRO B 21 -24.76 2.33 -8.84
CA PRO B 21 -26.19 2.87 -9.01
C PRO B 21 -26.79 2.48 -10.33
N LYS B 22 -28.12 2.56 -10.43
CA LYS B 22 -28.81 2.34 -11.71
C LYS B 22 -28.74 3.62 -12.60
N LEU B 23 -28.70 3.44 -13.93
CA LEU B 23 -28.79 4.56 -14.86
C LEU B 23 -29.98 5.40 -14.53
N GLY B 24 -29.77 6.72 -14.58
CA GLY B 24 -30.88 7.64 -14.19
C GLY B 24 -31.34 7.67 -12.74
N GLU B 25 -30.83 6.80 -11.88
CA GLU B 25 -31.13 6.93 -10.42
C GLU B 25 -30.55 8.25 -9.89
N VAL B 26 -31.35 9.05 -9.20
CA VAL B 26 -30.87 10.35 -8.68
C VAL B 26 -30.32 10.09 -7.31
N VAL B 27 -29.02 10.36 -7.08
CA VAL B 27 -28.38 9.88 -5.88
C VAL B 27 -28.07 11.06 -4.99
N ASN B 28 -28.43 10.94 -3.71
CA ASN B 28 -28.15 12.00 -2.72
C ASN B 28 -27.30 11.61 -1.56
N THR B 29 -26.98 10.33 -1.43
CA THR B 29 -26.25 9.80 -0.32
C THR B 29 -24.76 9.70 -0.75
N HIS B 30 -23.92 9.31 0.20
CA HIS B 30 -22.46 9.14 -0.09
C HIS B 30 -21.93 7.92 0.64
N GLY B 31 -21.56 6.86 -0.08
CA GLY B 31 -20.93 5.76 0.65
C GLY B 31 -21.09 4.45 -0.13
N PRO B 32 -20.63 3.36 0.46
CA PRO B 32 -20.54 2.06 -0.25
C PRO B 32 -21.95 1.54 -0.56
N VAL B 33 -22.02 0.74 -1.59
CA VAL B 33 -23.30 0.17 -2.00
C VAL B 33 -23.49 -1.15 -1.19
N GLU B 34 -22.43 -1.86 -0.87
CA GLU B 34 -22.61 -3.17 -0.15
C GLU B 34 -21.53 -3.26 0.91
N PRO B 35 -21.67 -4.18 1.92
CA PRO B 35 -20.71 -4.21 2.98
C PRO B 35 -19.38 -4.76 2.47
N ASP B 36 -18.30 -4.35 3.12
CA ASP B 36 -16.93 -4.94 3.03
C ASP B 36 -17.06 -6.41 3.34
N LYS B 37 -16.42 -7.23 2.50
CA LYS B 37 -16.47 -8.67 2.64
C LYS B 37 -15.50 -9.22 3.70
N ASP B 38 -16.06 -9.94 4.68
CA ASP B 38 -15.22 -10.64 5.68
C ASP B 38 -14.58 -11.94 5.07
N ASN B 39 -15.11 -12.47 3.97
CA ASN B 39 -14.57 -13.67 3.33
C ASN B 39 -14.55 -13.36 1.84
N ILE B 40 -13.43 -13.64 1.20
CA ILE B 40 -13.25 -13.45 -0.22
CA ILE B 40 -13.30 -13.47 -0.21
C ILE B 40 -13.05 -14.77 -0.95
N ARG B 41 -13.76 -14.97 -2.04
CA ARG B 41 -13.63 -16.16 -2.89
C ARG B 41 -12.12 -16.38 -3.22
N GLN B 42 -11.65 -17.59 -2.89
CA GLN B 42 -10.21 -17.85 -3.06
C GLN B 42 -9.86 -18.30 -4.46
N GLU B 43 -10.83 -18.81 -5.20
CA GLU B 43 -10.54 -19.41 -6.52
C GLU B 43 -10.82 -18.37 -7.60
N PRO B 44 -10.03 -18.38 -8.68
CA PRO B 44 -10.27 -17.49 -9.79
C PRO B 44 -11.66 -17.86 -10.44
N TYR B 45 -12.27 -16.84 -11.02
CA TYR B 45 -13.43 -17.12 -11.84
C TYR B 45 -13.06 -17.94 -13.07
N THR B 46 -14.05 -18.68 -13.56
CA THR B 46 -13.85 -19.55 -14.72
C THR B 46 -13.94 -18.81 -16.01
N LEU B 47 -12.96 -18.98 -16.89
CA LEU B 47 -13.03 -18.49 -18.24
C LEU B 47 -13.69 -19.48 -19.21
N PRO B 48 -14.10 -19.00 -20.38
CA PRO B 48 -14.67 -19.95 -21.36
C PRO B 48 -13.62 -21.01 -21.72
N GLN B 49 -14.10 -22.21 -21.99
CA GLN B 49 -13.24 -23.34 -22.29
CA GLN B 49 -13.29 -23.36 -22.35
C GLN B 49 -12.15 -22.94 -23.32
N GLY B 50 -10.90 -23.38 -23.00
CA GLY B 50 -9.73 -23.13 -23.84
C GLY B 50 -8.97 -21.86 -23.54
N PHE B 51 -9.40 -21.14 -22.50
CA PHE B 51 -8.70 -19.91 -22.06
C PHE B 51 -8.28 -20.03 -20.60
N THR B 52 -7.18 -19.30 -20.20
CA THR B 52 -6.67 -19.43 -18.85
C THR B 52 -6.08 -18.11 -18.38
N TRP B 53 -6.03 -17.90 -17.08
CA TRP B 53 -5.40 -16.73 -16.52
C TRP B 53 -3.88 -16.83 -16.66
N ASP B 54 -3.26 -15.66 -16.79
CA ASP B 54 -1.82 -15.54 -16.55
C ASP B 54 -1.51 -14.14 -16.10
N ALA B 55 -0.86 -14.04 -14.93
CA ALA B 55 -0.41 -12.72 -14.46
C ALA B 55 0.81 -12.30 -15.30
N LEU B 56 0.83 -11.10 -15.86
CA LEU B 56 1.88 -10.70 -16.78
C LEU B 56 3.01 -9.97 -16.08
N ASP B 57 4.22 -10.54 -16.05
CA ASP B 57 5.35 -9.84 -15.47
C ASP B 57 5.93 -8.92 -16.54
N LEU B 58 5.64 -7.64 -16.40
CA LEU B 58 6.03 -6.66 -17.42
C LEU B 58 7.51 -6.29 -17.32
N GLY B 59 8.16 -6.75 -16.28
CA GLY B 59 9.65 -6.65 -16.12
C GLY B 59 10.34 -7.67 -17.00
N ASP B 60 9.57 -8.58 -17.61
CA ASP B 60 10.05 -9.53 -18.59
C ASP B 60 9.75 -8.91 -19.98
N ARG B 61 10.82 -8.55 -20.71
CA ARG B 61 10.66 -7.82 -21.98
C ARG B 61 9.68 -8.50 -22.99
N GLY B 62 9.84 -9.81 -23.20
CA GLY B 62 8.97 -10.55 -24.15
C GLY B 62 7.53 -10.39 -23.70
N VAL B 63 7.30 -10.40 -22.38
CA VAL B 63 5.89 -10.34 -21.96
C VAL B 63 5.36 -8.89 -22.14
N LEU B 64 6.15 -7.91 -21.76
CA LEU B 64 5.76 -6.56 -22.11
C LEU B 64 5.49 -6.39 -23.54
N LYS B 65 6.31 -6.98 -24.41
CA LYS B 65 6.07 -6.91 -25.84
C LYS B 65 4.76 -7.56 -26.27
N GLU B 66 4.39 -8.68 -25.62
CA GLU B 66 3.11 -9.38 -25.91
C GLU B 66 1.92 -8.45 -25.58
N LEU B 67 1.99 -7.79 -24.43
CA LEU B 67 0.95 -6.85 -24.04
C LEU B 67 0.89 -5.62 -24.97
N TYR B 68 2.05 -5.03 -25.27
CA TYR B 68 2.13 -3.98 -26.30
C TYR B 68 1.39 -4.46 -27.63
N THR B 69 1.65 -5.67 -28.09
CA THR B 69 1.09 -6.15 -29.32
C THR B 69 -0.42 -6.34 -29.18
N LEU B 70 -0.85 -6.96 -28.06
CA LEU B 70 -2.30 -7.08 -27.84
C LEU B 70 -3.00 -5.74 -27.91
N LEU B 71 -2.45 -4.72 -27.21
CA LEU B 71 -3.14 -3.40 -27.20
C LEU B 71 -2.99 -2.69 -28.53
N ASN B 72 -1.80 -2.81 -29.16
CA ASN B 72 -1.57 -2.14 -30.46
C ASN B 72 -2.67 -2.62 -31.50
N GLU B 73 -3.01 -3.90 -31.41
CA GLU B 73 -3.89 -4.55 -32.37
C GLU B 73 -5.31 -4.55 -32.03
N ASN B 74 -5.59 -4.38 -30.72
CA ASN B 74 -6.95 -4.69 -30.23
C ASN B 74 -7.53 -3.69 -29.23
N TYR B 75 -6.80 -2.60 -28.92
CA TYR B 75 -7.33 -1.68 -27.90
C TYR B 75 -8.24 -0.57 -28.48
N VAL B 76 -8.38 0.48 -27.74
CA VAL B 76 -9.43 1.52 -27.99
C VAL B 76 -9.17 2.16 -29.39
N GLU B 77 -10.25 2.24 -30.19
CA GLU B 77 -10.27 2.95 -31.48
C GLU B 77 -11.13 4.20 -31.34
N ASP B 78 -10.90 5.17 -32.24
CA ASP B 78 -11.80 6.31 -32.23
C ASP B 78 -13.16 5.84 -32.78
N ASP B 79 -14.19 6.65 -32.54
CA ASP B 79 -15.52 6.28 -33.00
CA ASP B 79 -15.51 6.31 -33.04
C ASP B 79 -15.59 5.92 -34.51
N ASP B 80 -14.78 6.52 -35.34
CA ASP B 80 -14.73 6.19 -36.80
C ASP B 80 -13.94 4.98 -37.20
N ASN B 81 -13.29 4.29 -36.21
CA ASN B 81 -12.47 3.15 -36.51
C ASN B 81 -11.46 3.50 -37.59
N MET B 82 -10.78 4.62 -37.34
CA MET B 82 -9.71 5.14 -38.22
CA MET B 82 -9.69 5.09 -38.23
C MET B 82 -8.34 5.17 -37.54
N PHE B 83 -8.40 5.31 -36.19
CA PHE B 83 -7.16 5.47 -35.33
C PHE B 83 -7.30 4.51 -34.14
N ARG B 84 -6.18 3.87 -33.82
CA ARG B 84 -6.17 2.94 -32.62
C ARG B 84 -5.01 3.40 -31.75
N PHE B 85 -5.22 3.53 -30.45
CA PHE B 85 -4.07 3.87 -29.57
C PHE B 85 -2.90 2.90 -29.72
N ASP B 86 -1.70 3.47 -29.66
CA ASP B 86 -0.48 2.78 -29.78
C ASP B 86 0.39 3.13 -28.55
N TYR B 87 -0.06 2.72 -27.38
CA TYR B 87 0.77 2.91 -26.17
C TYR B 87 2.12 2.23 -26.36
N SER B 88 3.23 2.92 -25.98
CA SER B 88 4.52 2.30 -26.24
C SER B 88 4.78 1.34 -25.07
N PRO B 89 5.76 0.46 -25.24
CA PRO B 89 6.08 -0.43 -24.09
C PRO B 89 6.54 0.36 -22.84
N GLU B 90 7.34 1.41 -23.04
CA GLU B 90 7.81 2.22 -21.89
C GLU B 90 6.70 3.03 -21.27
N PHE B 91 5.76 3.51 -22.08
CA PHE B 91 4.62 4.17 -21.50
C PHE B 91 3.79 3.17 -20.65
N LEU B 92 3.54 1.98 -21.16
CA LEU B 92 2.80 0.96 -20.35
C LEU B 92 3.50 0.73 -19.02
N LEU B 93 4.85 0.68 -19.00
CA LEU B 93 5.55 0.59 -17.68
C LEU B 93 5.29 1.76 -16.78
N TRP B 94 5.21 2.98 -17.34
CA TRP B 94 4.90 4.15 -16.53
C TRP B 94 3.47 4.02 -15.97
N ALA B 95 2.52 3.60 -16.81
CA ALA B 95 1.10 3.61 -16.43
C ALA B 95 0.75 2.41 -15.51
N LEU B 96 1.47 1.32 -15.65
CA LEU B 96 1.10 0.08 -14.97
C LEU B 96 2.00 -0.27 -13.76
N ARG B 97 3.17 0.39 -13.61
CA ARG B 97 4.03 0.13 -12.45
C ARG B 97 4.32 1.42 -11.65
N PRO B 98 3.27 2.18 -11.24
CA PRO B 98 3.42 3.28 -10.34
C PRO B 98 3.69 2.76 -8.94
N PRO B 99 4.02 3.66 -8.01
CA PRO B 99 4.25 3.19 -6.62
C PRO B 99 3.13 2.32 -6.11
N GLY B 100 3.50 1.17 -5.51
CA GLY B 100 2.45 0.29 -4.95
C GLY B 100 1.85 -0.69 -5.92
N TRP B 101 2.35 -0.77 -7.18
CA TRP B 101 1.79 -1.68 -8.13
C TRP B 101 1.96 -3.10 -7.59
N LEU B 102 1.04 -3.96 -7.95
CA LEU B 102 1.10 -5.38 -7.53
C LEU B 102 1.05 -6.26 -8.75
N PRO B 103 1.75 -7.39 -8.70
CA PRO B 103 1.84 -8.21 -9.91
C PRO B 103 0.54 -8.94 -10.29
N GLN B 104 -0.20 -9.33 -9.26
CA GLN B 104 -1.47 -10.03 -9.51
CA GLN B 104 -1.47 -10.04 -9.53
C GLN B 104 -2.50 -9.11 -10.15
N TRP B 105 -2.21 -7.80 -10.12
CA TRP B 105 -3.20 -6.84 -10.72
C TRP B 105 -2.84 -6.51 -12.14
N HIS B 106 -1.94 -7.25 -12.76
CA HIS B 106 -1.65 -7.24 -14.20
C HIS B 106 -2.21 -8.52 -14.78
N CYS B 107 -3.53 -8.52 -15.02
CA CYS B 107 -4.29 -9.75 -15.18
C CYS B 107 -4.47 -10.12 -16.68
N GLY B 108 -3.71 -11.11 -17.15
CA GLY B 108 -3.74 -11.54 -18.56
C GLY B 108 -4.73 -12.71 -18.76
N VAL B 109 -5.18 -12.88 -20.01
CA VAL B 109 -5.87 -14.13 -20.43
C VAL B 109 -5.13 -14.65 -21.63
N ARG B 110 -4.80 -15.96 -21.61
CA ARG B 110 -4.08 -16.58 -22.73
C ARG B 110 -4.90 -17.78 -23.22
N VAL B 111 -4.67 -18.12 -24.47
CA VAL B 111 -5.21 -19.34 -25.04
C VAL B 111 -4.43 -20.54 -24.46
N VAL B 112 -5.17 -21.55 -23.99
CA VAL B 112 -4.54 -22.65 -23.27
C VAL B 112 -3.56 -23.37 -24.22
N SER B 113 -3.98 -23.72 -25.42
CA SER B 113 -3.08 -24.58 -26.29
C SER B 113 -1.85 -23.85 -26.84
N SER B 114 -2.02 -22.58 -27.16
CA SER B 114 -0.95 -21.84 -27.82
C SER B 114 -0.24 -20.84 -26.91
N ARG B 115 -0.79 -20.56 -25.71
CA ARG B 115 -0.34 -19.46 -24.86
C ARG B 115 -0.51 -18.05 -25.49
N LYS B 116 -1.19 -17.90 -26.61
CA LYS B 116 -1.37 -16.53 -27.23
C LYS B 116 -2.10 -15.61 -26.19
N LEU B 117 -1.61 -14.38 -26.05
CA LEU B 117 -2.29 -13.40 -25.17
C LEU B 117 -3.48 -12.82 -25.88
N VAL B 118 -4.67 -12.95 -25.26
CA VAL B 118 -5.92 -12.46 -25.90
C VAL B 118 -6.75 -11.59 -25.00
N GLY B 119 -6.33 -11.32 -23.77
CA GLY B 119 -7.13 -10.45 -22.95
C GLY B 119 -6.29 -9.85 -21.83
N PHE B 120 -6.70 -8.70 -21.29
CA PHE B 120 -5.96 -8.12 -20.22
C PHE B 120 -6.90 -7.18 -19.47
N ILE B 121 -6.64 -6.93 -18.20
CA ILE B 121 -7.23 -5.90 -17.39
C ILE B 121 -6.20 -5.52 -16.34
N SER B 122 -6.21 -4.28 -15.82
CA SER B 122 -5.22 -3.99 -14.78
C SER B 122 -5.84 -3.13 -13.70
N ALA B 123 -5.28 -3.22 -12.51
CA ALA B 123 -5.58 -2.36 -11.36
C ALA B 123 -4.24 -1.72 -10.88
N ILE B 124 -4.27 -0.44 -10.53
CA ILE B 124 -3.16 0.18 -9.77
C ILE B 124 -3.72 0.90 -8.58
N PRO B 125 -2.99 0.99 -7.48
CA PRO B 125 -3.60 1.61 -6.31
C PRO B 125 -3.65 3.12 -6.51
N ALA B 126 -4.63 3.78 -5.92
CA ALA B 126 -4.64 5.22 -5.92
C ALA B 126 -5.43 5.63 -4.69
N ASN B 127 -4.98 6.67 -4.08
CA ASN B 127 -5.79 7.29 -3.02
CA ASN B 127 -5.70 7.32 -3.01
C ASN B 127 -6.66 8.34 -3.72
N ILE B 128 -7.98 8.27 -3.50
CA ILE B 128 -8.96 9.07 -4.20
C ILE B 128 -9.78 9.90 -3.19
N HIS B 129 -9.91 11.17 -3.56
CA HIS B 129 -10.78 12.16 -2.83
C HIS B 129 -12.08 12.31 -3.55
N ILE B 130 -13.19 11.88 -2.93
CA ILE B 130 -14.48 11.97 -3.61
C ILE B 130 -15.36 12.72 -2.63
N TYR B 131 -15.74 13.94 -3.05
CA TYR B 131 -16.49 14.85 -2.13
C TYR B 131 -15.77 14.89 -0.77
N ASP B 132 -16.41 14.54 0.33
CA ASP B 132 -15.73 14.68 1.64
CA ASP B 132 -15.84 14.62 1.68
C ASP B 132 -15.04 13.41 2.16
N THR B 133 -14.80 12.41 1.30
CA THR B 133 -14.16 11.22 1.76
C THR B 133 -12.80 11.11 1.01
N GLU B 134 -11.77 10.66 1.73
CA GLU B 134 -10.50 10.23 1.07
C GLU B 134 -10.41 8.72 1.31
N LYS B 135 -10.18 7.95 0.28
CA LYS B 135 -10.08 6.48 0.42
C LYS B 135 -9.11 5.86 -0.51
N LYS B 136 -8.45 4.79 -0.02
CA LYS B 136 -7.59 4.03 -0.88
C LYS B 136 -8.49 3.18 -1.77
N MET B 137 -8.29 3.32 -3.06
CA MET B 137 -9.02 2.62 -4.15
C MET B 137 -8.05 2.02 -5.11
N VAL B 138 -8.54 1.44 -6.17
CA VAL B 138 -7.77 1.17 -7.38
C VAL B 138 -8.31 1.93 -8.55
N GLU B 139 -7.43 2.16 -9.52
CA GLU B 139 -7.86 2.69 -10.81
CA GLU B 139 -7.86 2.67 -10.84
C GLU B 139 -7.82 1.51 -11.76
N ILE B 140 -8.93 1.27 -12.49
CA ILE B 140 -8.92 0.16 -13.48
C ILE B 140 -8.72 0.69 -14.89
N ASN B 141 -7.88 0.09 -15.70
CA ASN B 141 -7.55 0.56 -16.97
C ASN B 141 -7.07 -0.59 -17.83
N PHE B 142 -6.94 -0.32 -19.11
CA PHE B 142 -6.41 -1.28 -20.10
C PHE B 142 -7.17 -2.59 -20.17
N LEU B 143 -8.49 -2.52 -19.97
CA LEU B 143 -9.36 -3.68 -20.26
C LEU B 143 -9.37 -3.91 -21.77
N CYS B 144 -9.05 -5.10 -22.19
CA CYS B 144 -8.93 -5.38 -23.61
C CYS B 144 -9.15 -6.83 -23.94
N VAL B 145 -10.05 -7.10 -24.90
CA VAL B 145 -10.29 -8.48 -25.38
C VAL B 145 -9.97 -8.51 -26.87
N HIS B 146 -9.19 -9.49 -27.29
CA HIS B 146 -8.82 -9.64 -28.71
C HIS B 146 -10.07 -9.54 -29.60
N LYS B 147 -9.89 -8.91 -30.77
CA LYS B 147 -11.02 -8.72 -31.72
C LYS B 147 -11.64 -10.06 -32.06
N LYS B 148 -10.82 -11.12 -32.12
CA LYS B 148 -11.40 -12.47 -32.49
C LYS B 148 -12.21 -13.09 -31.34
N LEU B 149 -12.09 -12.56 -30.12
CA LEU B 149 -12.81 -13.02 -28.91
CA LEU B 149 -12.81 -13.05 -28.92
C LEU B 149 -14.00 -12.14 -28.50
N ARG B 150 -14.29 -11.12 -29.30
CA ARG B 150 -15.29 -10.14 -28.92
C ARG B 150 -16.68 -10.74 -28.84
N SER B 151 -17.50 -10.19 -27.94
CA SER B 151 -18.91 -10.55 -27.82
C SER B 151 -19.15 -11.97 -27.31
N LYS B 152 -18.18 -12.52 -26.60
CA LYS B 152 -18.31 -13.84 -25.94
C LYS B 152 -18.37 -13.71 -24.39
N ARG B 153 -18.74 -12.51 -23.87
CA ARG B 153 -18.84 -12.26 -22.42
C ARG B 153 -17.56 -12.59 -21.60
N VAL B 154 -16.41 -12.39 -22.23
CA VAL B 154 -15.08 -12.48 -21.59
C VAL B 154 -14.91 -11.22 -20.70
N ALA B 155 -15.35 -10.05 -21.17
CA ALA B 155 -15.10 -8.85 -20.30
C ALA B 155 -15.68 -8.97 -18.88
N PRO B 156 -16.92 -9.47 -18.67
CA PRO B 156 -17.40 -9.55 -17.29
C PRO B 156 -16.54 -10.48 -16.42
N VAL B 157 -16.00 -11.49 -17.10
CA VAL B 157 -15.09 -12.41 -16.32
C VAL B 157 -13.82 -11.63 -15.88
N LEU B 158 -13.23 -10.91 -16.80
CA LEU B 158 -12.07 -10.03 -16.47
C LEU B 158 -12.38 -9.06 -15.35
N ILE B 159 -13.58 -8.45 -15.39
CA ILE B 159 -13.94 -7.54 -14.36
C ILE B 159 -14.16 -8.17 -13.00
N ARG B 160 -14.87 -9.29 -12.97
CA ARG B 160 -15.07 -10.00 -11.73
CA ARG B 160 -15.06 -10.00 -11.73
C ARG B 160 -13.74 -10.49 -11.15
N GLU B 161 -12.84 -10.91 -12.02
CA GLU B 161 -11.54 -11.48 -11.55
C GLU B 161 -10.64 -10.38 -10.97
N ILE B 162 -10.58 -9.20 -11.62
CA ILE B 162 -9.78 -8.10 -10.98
C ILE B 162 -10.43 -7.67 -9.68
N THR B 163 -11.79 -7.61 -9.68
CA THR B 163 -12.49 -7.24 -8.48
C THR B 163 -12.05 -8.20 -7.31
N ARG B 164 -12.09 -9.49 -7.55
CA ARG B 164 -11.72 -10.49 -6.53
C ARG B 164 -10.24 -10.25 -6.04
N ARG B 165 -9.38 -10.01 -7.02
CA ARG B 165 -7.92 -9.83 -6.68
C ARG B 165 -7.73 -8.58 -5.87
N VAL B 166 -8.53 -7.55 -6.13
CA VAL B 166 -8.43 -6.35 -5.34
C VAL B 166 -9.05 -6.49 -3.96
N HIS B 167 -10.18 -7.22 -3.90
CA HIS B 167 -10.78 -7.48 -2.58
C HIS B 167 -9.84 -8.29 -1.66
N LEU B 168 -9.04 -9.16 -2.24
CA LEU B 168 -8.06 -9.92 -1.41
C LEU B 168 -7.11 -8.99 -0.72
N GLU B 169 -6.81 -7.83 -1.30
CA GLU B 169 -5.92 -6.85 -0.69
C GLU B 169 -6.64 -5.84 0.23
N GLY B 170 -7.94 -6.04 0.41
CA GLY B 170 -8.72 -5.29 1.39
C GLY B 170 -9.26 -3.96 0.81
N ILE B 171 -9.23 -3.83 -0.51
CA ILE B 171 -9.72 -2.62 -1.21
CA ILE B 171 -9.77 -2.63 -1.16
C ILE B 171 -11.13 -2.95 -1.79
N PHE B 172 -12.08 -2.03 -1.58
CA PHE B 172 -13.48 -2.27 -1.93
C PHE B 172 -14.10 -1.22 -2.80
N GLN B 173 -13.30 -0.24 -3.21
CA GLN B 173 -13.76 0.78 -4.18
C GLN B 173 -12.83 0.90 -5.38
N ALA B 174 -13.32 1.39 -6.48
CA ALA B 174 -12.47 1.58 -7.66
C ALA B 174 -12.94 2.80 -8.39
N VAL B 175 -12.07 3.38 -9.16
CA VAL B 175 -12.42 4.42 -10.14
C VAL B 175 -12.03 3.98 -11.52
N TYR B 176 -12.87 4.30 -12.55
CA TYR B 176 -12.53 3.93 -13.90
C TYR B 176 -13.23 4.88 -14.92
N THR B 177 -12.69 4.89 -16.14
CA THR B 177 -13.33 5.72 -17.19
C THR B 177 -13.62 4.76 -18.33
N ALA B 178 -14.60 5.15 -19.17
CA ALA B 178 -14.85 4.40 -20.43
C ALA B 178 -15.60 5.35 -21.38
N GLY B 179 -15.53 4.99 -22.63
CA GLY B 179 -16.25 5.75 -23.65
C GLY B 179 -17.56 5.10 -24.04
N VAL B 180 -18.01 4.11 -23.29
CA VAL B 180 -19.40 3.61 -23.36
C VAL B 180 -20.14 4.01 -22.11
N VAL B 181 -21.47 4.05 -22.22
CA VAL B 181 -22.30 4.41 -21.11
C VAL B 181 -22.74 3.13 -20.33
N LEU B 182 -22.51 3.11 -19.01
CA LEU B 182 -22.69 1.90 -18.18
C LEU B 182 -23.34 2.48 -16.91
N PRO B 183 -24.02 1.68 -16.08
CA PRO B 183 -24.55 2.16 -14.80
C PRO B 183 -23.42 2.52 -13.82
N LYS B 184 -23.29 3.73 -13.31
CA LYS B 184 -23.94 5.00 -13.79
C LYS B 184 -22.79 6.02 -13.73
N PRO B 185 -22.63 6.87 -14.77
CA PRO B 185 -21.48 7.82 -14.69
C PRO B 185 -21.61 8.77 -13.48
N VAL B 186 -20.50 9.02 -12.77
N VAL B 186 -20.47 9.03 -12.85
CA VAL B 186 -20.46 10.12 -11.74
CA VAL B 186 -20.41 10.03 -11.77
C VAL B 186 -20.12 11.45 -12.45
C VAL B 186 -20.05 11.41 -12.41
N GLY B 187 -19.60 11.39 -13.65
CA GLY B 187 -19.24 12.62 -14.44
C GLY B 187 -19.04 12.27 -15.89
N THR B 188 -19.32 13.23 -16.79
CA THR B 188 -19.23 12.98 -18.22
C THR B 188 -18.38 14.08 -18.81
N CYS B 189 -17.28 13.70 -19.44
CA CYS B 189 -16.37 14.68 -20.08
C CYS B 189 -16.32 14.62 -21.59
N ARG B 190 -16.38 15.77 -22.28
CA ARG B 190 -16.17 15.73 -23.73
CA ARG B 190 -16.23 15.76 -23.70
C ARG B 190 -14.71 15.94 -24.05
N TYR B 191 -14.17 15.18 -25.03
CA TYR B 191 -12.84 15.48 -25.47
C TYR B 191 -12.77 16.50 -26.63
N TRP B 192 -11.71 17.32 -26.61
CA TRP B 192 -11.46 18.38 -27.61
C TRP B 192 -10.07 18.25 -28.15
N HIS B 193 -9.75 18.84 -29.32
CA HIS B 193 -8.55 18.56 -30.05
C HIS B 193 -8.00 19.87 -30.64
N ARG B 194 -6.74 20.17 -30.42
CA ARG B 194 -6.10 21.42 -30.91
C ARG B 194 -5.11 21.01 -31.97
N SER B 195 -5.36 21.41 -33.23
N SER B 195 -5.37 21.40 -33.22
CA SER B 195 -4.48 21.05 -34.33
CA SER B 195 -4.51 21.02 -34.34
C SER B 195 -3.15 21.71 -34.19
C SER B 195 -3.16 21.71 -34.19
N LEU B 196 -2.09 20.93 -34.31
CA LEU B 196 -0.75 21.49 -34.34
C LEU B 196 -0.14 21.39 -35.74
N ASN B 197 -0.37 20.26 -36.41
CA ASN B 197 0.09 20.05 -37.80
C ASN B 197 -1.19 19.79 -38.65
N PRO B 198 -2.02 20.85 -38.91
CA PRO B 198 -3.23 20.61 -39.73
C PRO B 198 -3.04 19.92 -41.09
N ARG B 199 -1.96 20.20 -41.82
CA ARG B 199 -1.77 19.46 -43.10
C ARG B 199 -1.75 17.93 -42.90
N LYS B 200 -0.96 17.46 -41.92
CA LYS B 200 -1.00 16.01 -41.61
C LYS B 200 -2.37 15.53 -41.15
N LEU B 201 -3.00 16.26 -40.26
CA LEU B 201 -4.28 15.86 -39.69
C LEU B 201 -5.39 15.70 -40.77
N ILE B 202 -5.41 16.66 -41.71
CA ILE B 202 -6.27 16.52 -42.84
C ILE B 202 -5.81 15.40 -43.79
N GLU B 203 -4.50 15.21 -44.03
CA GLU B 203 -4.03 14.10 -44.91
C GLU B 203 -4.59 12.78 -44.35
N VAL B 204 -4.45 12.59 -43.01
CA VAL B 204 -4.85 11.29 -42.41
C VAL B 204 -6.33 11.19 -42.05
N LYS B 205 -7.06 12.31 -42.25
CA LYS B 205 -8.50 12.39 -42.08
C LYS B 205 -8.87 12.32 -40.65
N PHE B 206 -7.93 12.76 -39.83
CA PHE B 206 -8.29 13.06 -38.50
C PHE B 206 -9.14 14.30 -38.51
N SER B 207 -8.78 15.26 -39.36
CA SER B 207 -9.60 16.51 -39.43
C SER B 207 -10.00 16.70 -40.90
N HIS B 208 -10.87 17.66 -41.10
CA HIS B 208 -11.22 18.10 -42.50
C HIS B 208 -11.06 19.63 -42.64
N LEU B 209 -10.91 20.17 -43.85
CA LEU B 209 -11.02 21.68 -44.03
C LEU B 209 -12.37 22.29 -43.61
N SER B 210 -12.34 23.43 -42.92
CA SER B 210 -13.60 24.13 -42.57
C SER B 210 -14.26 24.80 -43.80
N ARG B 211 -15.57 25.05 -43.71
CA ARG B 211 -16.37 25.65 -44.80
C ARG B 211 -15.53 26.82 -45.30
N ASN B 212 -15.13 26.75 -46.59
CA ASN B 212 -14.61 27.92 -47.19
C ASN B 212 -13.16 28.28 -46.75
N MET B 213 -12.28 27.32 -46.43
CA MET B 213 -10.93 27.69 -46.02
C MET B 213 -9.98 26.86 -46.77
N THR B 214 -8.89 27.46 -47.24
CA THR B 214 -7.89 26.66 -47.90
C THR B 214 -6.89 26.05 -46.92
N MET B 215 -6.07 25.14 -47.43
CA MET B 215 -4.93 24.60 -46.67
CA MET B 215 -4.92 24.60 -46.67
C MET B 215 -3.98 25.72 -46.24
N GLN B 216 -3.58 26.58 -47.19
CA GLN B 216 -2.68 27.69 -46.87
CA GLN B 216 -2.67 27.68 -46.86
C GLN B 216 -3.30 28.48 -45.70
N ARG B 217 -4.61 28.74 -45.76
CA ARG B 217 -5.21 29.53 -44.68
C ARG B 217 -5.28 28.78 -43.35
N THR B 218 -5.60 27.49 -43.46
CA THR B 218 -5.73 26.64 -42.28
C THR B 218 -4.33 26.59 -41.59
N MET B 219 -3.24 26.41 -42.35
CA MET B 219 -1.89 26.43 -41.75
C MET B 219 -1.65 27.76 -41.03
N LYS B 220 -1.94 28.85 -41.73
CA LYS B 220 -1.70 30.15 -41.18
C LYS B 220 -2.54 30.30 -39.93
N LEU B 221 -3.77 29.85 -39.93
CA LEU B 221 -4.64 30.03 -38.70
C LEU B 221 -4.15 29.24 -37.39
N TYR B 222 -3.57 28.06 -37.60
CA TYR B 222 -3.18 27.23 -36.45
C TYR B 222 -1.70 27.42 -36.11
N ARG B 223 -0.98 28.32 -36.84
CA ARG B 223 0.43 28.58 -36.57
C ARG B 223 0.65 29.13 -35.13
N LEU B 224 1.72 28.64 -34.55
CA LEU B 224 2.02 29.00 -33.15
C LEU B 224 3.34 29.69 -33.08
N PRO B 225 3.60 30.52 -32.04
CA PRO B 225 4.99 30.90 -31.80
C PRO B 225 5.94 29.72 -31.68
N GLU B 226 7.22 29.95 -32.00
CA GLU B 226 8.20 28.87 -31.91
C GLU B 226 8.75 28.68 -30.47
N THR B 227 8.50 29.67 -29.61
CA THR B 227 8.95 29.58 -28.23
C THR B 227 7.86 30.01 -27.27
N PRO B 228 7.82 29.36 -26.07
CA PRO B 228 6.75 29.80 -25.20
C PRO B 228 6.95 31.24 -24.70
N LYS B 229 5.85 31.90 -24.29
CA LYS B 229 5.95 33.25 -23.81
C LYS B 229 6.16 33.43 -22.32
N THR B 230 5.69 32.49 -21.49
CA THR B 230 5.81 32.69 -20.07
C THR B 230 7.25 32.68 -19.60
N ALA B 231 7.60 33.76 -18.88
CA ALA B 231 8.97 33.88 -18.36
C ALA B 231 9.24 32.73 -17.39
N GLY B 232 10.43 32.19 -17.56
CA GLY B 232 10.95 31.27 -16.52
C GLY B 232 10.42 29.85 -16.62
N LEU B 233 9.75 29.53 -17.72
CA LEU B 233 9.26 28.17 -17.93
CA LEU B 233 9.28 28.17 -18.06
C LEU B 233 10.45 27.29 -18.31
N ARG B 234 10.53 26.16 -17.61
CA ARG B 234 11.59 25.21 -17.86
C ARG B 234 11.07 23.80 -17.46
N PRO B 235 11.74 22.75 -18.01
CA PRO B 235 11.32 21.42 -17.56
C PRO B 235 11.51 21.22 -16.09
N MET B 236 10.57 20.48 -15.48
CA MET B 236 10.61 20.04 -14.10
C MET B 236 11.89 19.20 -13.88
N GLU B 237 12.52 19.50 -12.74
CA GLU B 237 13.74 18.77 -12.30
C GLU B 237 13.47 18.08 -10.99
N THR B 238 14.43 17.26 -10.54
CA THR B 238 14.27 16.56 -9.28
C THR B 238 14.04 17.49 -8.12
N LYS B 239 14.75 18.62 -8.11
CA LYS B 239 14.53 19.60 -6.98
C LYS B 239 13.15 20.22 -6.91
N ASP B 240 12.34 20.07 -7.98
CA ASP B 240 10.99 20.60 -7.99
C ASP B 240 9.97 19.61 -7.54
N ILE B 241 10.35 18.42 -7.15
CA ILE B 241 9.33 17.44 -6.76
C ILE B 241 8.47 17.88 -5.58
N PRO B 242 9.08 18.44 -4.52
CA PRO B 242 8.29 18.87 -3.34
C PRO B 242 7.33 19.99 -3.70
N VAL B 243 7.83 20.99 -4.41
CA VAL B 243 6.89 22.11 -4.71
C VAL B 243 5.84 21.68 -5.71
N VAL B 244 6.16 20.85 -6.67
CA VAL B 244 5.06 20.29 -7.58
C VAL B 244 4.01 19.57 -6.75
N HIS B 245 4.48 18.78 -5.79
CA HIS B 245 3.53 18.09 -4.90
CA HIS B 245 3.56 18.07 -4.96
C HIS B 245 2.70 19.07 -4.13
N GLN B 246 3.35 20.14 -3.63
CA GLN B 246 2.63 21.07 -2.83
C GLN B 246 1.58 21.88 -3.66
N LEU B 247 1.97 22.22 -4.90
CA LEU B 247 1.10 23.08 -5.77
C LEU B 247 -0.11 22.21 -6.21
N LEU B 248 0.13 20.97 -6.55
CA LEU B 248 -0.99 20.07 -7.00
C LEU B 248 -1.97 19.81 -5.87
N THR B 249 -1.45 19.49 -4.69
CA THR B 249 -2.27 19.17 -3.56
C THR B 249 -3.20 20.35 -3.24
N ARG B 250 -2.71 21.60 -3.20
CA ARG B 250 -3.57 22.75 -2.99
CA ARG B 250 -3.66 22.76 -2.95
C ARG B 250 -4.60 23.02 -4.10
N TYR B 251 -4.11 22.89 -5.33
CA TYR B 251 -4.92 23.11 -6.49
C TYR B 251 -6.15 22.17 -6.59
N LEU B 252 -5.98 20.88 -6.30
CA LEU B 252 -7.01 19.91 -6.52
C LEU B 252 -8.12 20.03 -5.44
N LYS B 253 -7.88 20.71 -4.34
CA LYS B 253 -8.93 20.84 -3.32
C LYS B 253 -10.24 21.40 -3.89
N GLN B 254 -10.18 22.14 -5.00
CA GLN B 254 -11.39 22.76 -5.52
C GLN B 254 -12.30 21.85 -6.32
N PHE B 255 -11.82 20.66 -6.70
CA PHE B 255 -12.61 19.70 -7.41
C PHE B 255 -13.19 18.67 -6.44
N HIS B 256 -14.10 17.83 -6.97
CA HIS B 256 -14.86 16.89 -6.15
C HIS B 256 -14.39 15.44 -6.33
N LEU B 257 -13.71 15.15 -7.42
CA LEU B 257 -13.12 13.81 -7.61
C LEU B 257 -11.66 14.06 -8.04
N THR B 258 -10.73 13.61 -7.18
CA THR B 258 -9.34 13.97 -7.47
C THR B 258 -8.44 12.84 -6.88
N PRO B 259 -7.21 12.77 -7.38
CA PRO B 259 -6.23 11.89 -6.69
C PRO B 259 -5.69 12.60 -5.48
N VAL B 260 -5.12 11.85 -4.52
CA VAL B 260 -4.34 12.35 -3.45
C VAL B 260 -2.97 11.63 -3.64
N MET B 261 -1.92 12.36 -3.97
CA MET B 261 -0.61 11.75 -4.36
C MET B 261 0.39 12.03 -3.27
N SER B 262 1.13 10.99 -2.92
CA SER B 262 2.30 11.20 -2.11
C SER B 262 3.38 11.92 -2.94
N GLN B 263 4.42 12.35 -2.22
CA GLN B 263 5.53 12.88 -2.98
C GLN B 263 6.21 11.85 -3.87
N GLU B 264 6.28 10.57 -3.44
CA GLU B 264 6.76 9.58 -4.37
C GLU B 264 5.90 9.40 -5.62
N GLU B 265 4.56 9.49 -5.43
CA GLU B 265 3.65 9.41 -6.59
C GLU B 265 3.79 10.62 -7.51
N VAL B 266 4.05 11.81 -6.93
CA VAL B 266 4.33 12.96 -7.76
C VAL B 266 5.51 12.79 -8.63
N GLU B 267 6.62 12.25 -8.05
CA GLU B 267 7.76 12.01 -8.85
CA GLU B 267 7.75 12.02 -8.88
C GLU B 267 7.45 11.07 -10.03
N HIS B 268 6.73 9.97 -9.72
CA HIS B 268 6.43 9.01 -10.77
C HIS B 268 5.55 9.62 -11.92
N TRP B 269 4.53 10.32 -11.50
CA TRP B 269 3.57 10.85 -12.50
C TRP B 269 4.05 12.07 -13.18
N PHE B 270 4.98 12.85 -12.65
CA PHE B 270 5.33 14.12 -13.33
C PHE B 270 6.77 14.24 -13.77
N TYR B 271 7.72 13.51 -13.16
CA TYR B 271 9.14 13.75 -13.50
C TYR B 271 9.34 13.37 -14.99
N PRO B 272 9.92 14.28 -15.81
CA PRO B 272 9.91 14.08 -17.27
C PRO B 272 10.59 12.77 -17.72
N GLN B 273 9.89 12.07 -18.63
CA GLN B 273 10.47 10.94 -19.35
C GLN B 273 10.18 11.15 -20.80
N GLU B 274 11.22 11.22 -21.60
CA GLU B 274 10.95 11.67 -23.00
CA GLU B 274 11.08 11.54 -23.06
C GLU B 274 10.05 10.62 -23.67
N ASN B 275 9.12 11.15 -24.45
CA ASN B 275 8.12 10.34 -25.19
C ASN B 275 7.12 9.64 -24.27
N ILE B 276 7.00 10.10 -23.02
CA ILE B 276 6.07 9.56 -22.07
C ILE B 276 5.35 10.66 -21.36
N ILE B 277 6.06 11.48 -20.58
CA ILE B 277 5.43 12.51 -19.79
C ILE B 277 6.34 13.72 -19.81
N ASP B 278 5.75 14.87 -20.06
CA ASP B 278 6.44 16.15 -20.04
C ASP B 278 5.80 16.99 -18.98
N THR B 279 6.65 17.65 -18.15
CA THR B 279 6.16 18.60 -17.17
C THR B 279 7.10 19.78 -17.20
N PHE B 280 6.52 20.96 -17.29
CA PHE B 280 7.30 22.20 -17.30
C PHE B 280 6.78 23.04 -16.15
N VAL B 281 7.73 23.63 -15.43
CA VAL B 281 7.38 24.48 -14.28
C VAL B 281 7.74 25.94 -14.63
N VAL B 282 7.10 26.88 -13.92
CA VAL B 282 7.42 28.33 -14.08
C VAL B 282 8.20 28.66 -12.81
N GLU B 283 9.48 29.03 -12.99
CA GLU B 283 10.39 29.53 -11.92
C GLU B 283 10.54 31.05 -12.12
N ASN B 284 10.06 31.78 -11.14
CA ASN B 284 9.96 33.26 -11.33
C ASN B 284 11.34 33.92 -11.01
N ALA B 285 11.34 35.24 -11.00
CA ALA B 285 12.53 36.05 -10.79
C ALA B 285 13.10 35.90 -9.39
N ASN B 286 12.34 35.37 -8.45
CA ASN B 286 12.81 35.12 -7.09
C ASN B 286 13.29 33.66 -7.00
N GLY B 287 13.25 32.85 -8.09
CA GLY B 287 13.62 31.40 -7.94
C GLY B 287 12.46 30.54 -7.45
N GLU B 288 11.25 31.09 -7.30
CA GLU B 288 10.15 30.25 -6.74
CA GLU B 288 10.08 30.33 -6.73
C GLU B 288 9.34 29.65 -7.88
N VAL B 289 8.97 28.40 -7.72
CA VAL B 289 8.12 27.74 -8.67
C VAL B 289 6.68 27.98 -8.31
N THR B 290 5.97 28.58 -9.25
CA THR B 290 4.59 29.01 -9.00
C THR B 290 3.49 28.33 -9.82
N ASP B 291 3.84 27.63 -10.86
CA ASP B 291 2.89 27.02 -11.78
C ASP B 291 3.54 25.84 -12.46
N PHE B 292 2.74 24.89 -12.96
CA PHE B 292 3.31 23.93 -13.85
C PHE B 292 2.22 23.44 -14.82
N LEU B 293 2.70 22.94 -15.91
CA LEU B 293 1.88 22.26 -16.96
C LEU B 293 2.41 20.89 -17.20
N SER B 294 1.53 19.96 -17.60
CA SER B 294 2.03 18.66 -18.01
CA SER B 294 1.98 18.62 -17.95
C SER B 294 1.15 17.99 -19.07
N PHE B 295 1.79 17.16 -19.87
CA PHE B 295 1.05 16.36 -20.88
C PHE B 295 1.74 15.11 -21.16
N TYR B 296 0.96 14.06 -21.47
CA TYR B 296 1.56 12.81 -21.80
C TYR B 296 1.50 12.45 -23.31
N THR B 297 2.36 11.56 -23.71
CA THR B 297 2.58 11.22 -25.09
C THR B 297 1.83 9.92 -25.44
N LEU B 298 0.87 9.96 -26.39
CA LEU B 298 0.12 8.70 -26.75
C LEU B 298 -0.21 8.75 -28.28
N PRO B 299 0.59 8.07 -29.13
CA PRO B 299 0.24 8.12 -30.54
C PRO B 299 -0.96 7.18 -30.82
N SER B 300 -1.63 7.44 -31.97
CA SER B 300 -2.57 6.47 -32.50
C SER B 300 -2.13 5.97 -33.88
N THR B 301 -2.30 4.67 -34.10
CA THR B 301 -1.98 4.04 -35.36
C THR B 301 -3.00 4.47 -36.38
N ILE B 302 -2.55 4.70 -37.65
CA ILE B 302 -3.48 5.05 -38.72
C ILE B 302 -3.98 3.72 -39.28
N MET B 303 -5.24 3.45 -39.01
CA MET B 303 -5.75 2.05 -39.22
C MET B 303 -5.74 1.61 -40.69
N ASN B 304 -6.17 2.51 -41.57
CA ASN B 304 -6.07 2.28 -43.02
C ASN B 304 -4.66 2.22 -43.60
N HIS B 305 -3.68 2.76 -42.88
CA HIS B 305 -2.30 2.83 -43.35
C HIS B 305 -1.27 2.56 -42.25
N PRO B 306 -1.23 1.32 -41.69
CA PRO B 306 -0.30 0.98 -40.58
C PRO B 306 1.20 1.09 -40.94
N THR B 307 1.49 1.21 -42.24
CA THR B 307 2.80 1.57 -42.80
C THR B 307 3.25 3.01 -42.37
N HIS B 308 2.29 3.91 -42.39
CA HIS B 308 2.55 5.35 -42.27
C HIS B 308 2.80 5.72 -40.82
N LYS B 309 3.69 6.70 -40.63
CA LYS B 309 3.86 7.33 -39.32
C LYS B 309 2.51 7.55 -38.60
N SER B 310 2.44 7.00 -37.39
CA SER B 310 1.29 7.20 -36.50
C SER B 310 0.97 8.66 -36.31
N LEU B 311 -0.26 8.89 -35.95
CA LEU B 311 -0.72 10.20 -35.52
C LEU B 311 -0.07 10.54 -34.16
N LYS B 312 0.69 11.65 -34.01
CA LYS B 312 1.34 12.01 -32.74
CA LYS B 312 1.22 11.91 -32.69
C LYS B 312 0.49 12.96 -31.91
N ALA B 313 0.00 12.50 -30.76
CA ALA B 313 -0.93 13.24 -29.94
C ALA B 313 -0.36 13.43 -28.53
N ALA B 314 -0.56 14.61 -28.00
CA ALA B 314 -0.15 14.92 -26.66
C ALA B 314 -1.42 15.12 -25.91
N TYR B 315 -1.47 14.70 -24.65
CA TYR B 315 -2.62 14.73 -23.81
C TYR B 315 -2.46 15.58 -22.59
N SER B 316 -3.30 16.59 -22.41
CA SER B 316 -3.28 17.44 -21.26
C SER B 316 -3.48 16.58 -19.94
N PHE B 317 -2.56 16.75 -18.99
CA PHE B 317 -2.60 15.87 -17.82
C PHE B 317 -3.06 16.70 -16.67
N TYR B 318 -2.14 17.25 -15.83
CA TYR B 318 -2.49 18.18 -14.74
C TYR B 318 -1.77 19.50 -14.92
N ASN B 319 -2.54 20.59 -14.91
CA ASN B 319 -1.99 21.96 -15.08
C ASN B 319 -2.40 22.78 -13.91
N VAL B 320 -1.44 23.31 -13.18
CA VAL B 320 -1.69 24.07 -12.00
C VAL B 320 -1.15 25.49 -12.16
N HIS B 321 -2.03 26.47 -11.82
CA HIS B 321 -1.66 27.85 -11.96
C HIS B 321 -1.88 28.52 -10.63
N THR B 322 -0.95 29.42 -10.20
CA THR B 322 -1.16 30.26 -9.04
C THR B 322 -0.80 31.70 -9.43
N GLN B 323 0.13 31.91 -10.38
CA GLN B 323 0.56 33.31 -10.72
C GLN B 323 0.55 33.59 -12.17
N THR B 324 0.64 32.58 -13.00
CA THR B 324 0.58 32.68 -14.43
C THR B 324 -0.90 32.35 -14.76
N PRO B 325 -1.52 33.14 -15.63
CA PRO B 325 -2.93 32.73 -15.86
C PRO B 325 -3.03 31.40 -16.63
N LEU B 326 -4.09 30.63 -16.39
CA LEU B 326 -4.26 29.34 -17.09
C LEU B 326 -4.14 29.45 -18.57
N LEU B 327 -4.74 30.52 -19.11
CA LEU B 327 -4.72 30.70 -20.55
C LEU B 327 -3.33 30.75 -21.14
N ASP B 328 -2.41 31.47 -20.45
CA ASP B 328 -1.00 31.56 -20.87
C ASP B 328 -0.27 30.24 -20.72
N LEU B 329 -0.57 29.59 -19.60
CA LEU B 329 0.05 28.26 -19.37
C LEU B 329 -0.33 27.24 -20.45
N MET B 330 -1.63 27.18 -20.88
CA MET B 330 -2.05 26.31 -21.96
C MET B 330 -1.52 26.67 -23.33
N SER B 331 -1.40 28.00 -23.55
CA SER B 331 -0.71 28.49 -24.79
C SER B 331 0.74 27.98 -24.90
N ASP B 332 1.43 28.01 -23.76
CA ASP B 332 2.81 27.48 -23.58
CA ASP B 332 2.81 27.49 -23.75
C ASP B 332 2.83 25.97 -23.90
N ALA B 333 1.86 25.29 -23.34
CA ALA B 333 1.73 23.88 -23.59
C ALA B 333 1.54 23.52 -25.04
N LEU B 334 0.67 24.29 -25.78
CA LEU B 334 0.58 24.06 -27.23
C LEU B 334 1.86 24.30 -27.94
N VAL B 335 2.56 25.38 -27.54
CA VAL B 335 3.84 25.72 -28.25
C VAL B 335 4.87 24.63 -28.02
N LEU B 336 4.94 24.13 -26.77
CA LEU B 336 5.96 23.12 -26.45
C LEU B 336 5.63 21.83 -27.14
N ALA B 337 4.36 21.45 -27.23
CA ALA B 337 3.98 20.25 -27.93
C ALA B 337 4.32 20.31 -29.41
N LYS B 338 4.04 21.49 -30.02
CA LYS B 338 4.35 21.67 -31.43
C LYS B 338 5.88 21.52 -31.62
N MET B 339 6.68 22.17 -30.78
CA MET B 339 8.14 22.06 -30.85
C MET B 339 8.61 20.62 -30.78
N LYS B 340 7.91 19.80 -30.00
CA LYS B 340 8.29 18.38 -29.76
C LYS B 340 7.79 17.45 -30.89
N GLY B 341 6.99 18.02 -31.82
CA GLY B 341 6.60 17.31 -33.07
C GLY B 341 5.27 16.60 -32.98
N PHE B 342 4.47 17.01 -32.01
CA PHE B 342 3.07 16.53 -31.89
C PHE B 342 2.26 17.09 -33.03
N ASP B 343 1.33 16.27 -33.54
CA ASP B 343 0.34 16.71 -34.56
C ASP B 343 -0.88 17.30 -33.98
N VAL B 344 -1.24 16.98 -32.73
CA VAL B 344 -2.48 17.41 -32.14
C VAL B 344 -2.32 17.38 -30.63
N PHE B 345 -3.02 18.27 -29.95
CA PHE B 345 -3.02 18.42 -28.47
C PHE B 345 -4.43 18.20 -28.01
N ASN B 346 -4.60 17.17 -27.16
CA ASN B 346 -5.94 16.68 -26.77
C ASN B 346 -6.21 17.03 -25.36
N ALA B 347 -7.41 17.40 -25.02
CA ALA B 347 -7.76 17.70 -23.70
C ALA B 347 -9.24 17.40 -23.42
N LEU B 348 -9.61 17.16 -22.16
CA LEU B 348 -11.01 16.95 -21.71
C LEU B 348 -11.52 18.31 -21.23
N ASP B 349 -12.83 18.40 -21.14
CA ASP B 349 -13.42 19.61 -20.57
C ASP B 349 -13.53 19.68 -19.09
N LEU B 350 -12.70 18.89 -18.36
CA LEU B 350 -12.74 18.84 -16.91
C LEU B 350 -11.87 19.94 -16.21
N MET B 351 -11.90 19.97 -14.87
CA MET B 351 -11.20 21.00 -14.06
C MET B 351 -11.57 22.37 -14.69
N GLU B 352 -10.63 23.26 -14.92
CA GLU B 352 -11.01 24.61 -15.51
C GLU B 352 -10.82 24.59 -16.98
N ASN B 353 -10.78 23.46 -17.64
CA ASN B 353 -10.34 23.48 -19.03
C ASN B 353 -11.31 24.33 -19.99
N LYS B 354 -12.61 24.22 -19.74
CA LYS B 354 -13.58 25.06 -20.54
C LYS B 354 -13.13 26.52 -20.58
N THR B 355 -12.39 27.03 -19.59
CA THR B 355 -11.91 28.46 -19.72
C THR B 355 -10.84 28.69 -20.79
N PHE B 356 -10.26 27.69 -21.45
CA PHE B 356 -9.41 27.95 -22.55
C PHE B 356 -9.70 27.22 -23.81
N LEU B 357 -10.62 26.21 -23.79
CA LEU B 357 -10.67 25.37 -24.98
C LEU B 357 -10.98 26.21 -26.26
N GLU B 358 -12.10 26.94 -26.21
CA GLU B 358 -12.54 27.72 -27.39
CA GLU B 358 -12.53 27.72 -27.41
C GLU B 358 -11.55 28.84 -27.66
N LYS B 359 -11.15 29.54 -26.61
CA LYS B 359 -10.11 30.58 -26.77
C LYS B 359 -8.83 30.14 -27.41
N LEU B 360 -8.36 28.94 -27.14
CA LEU B 360 -7.21 28.43 -27.85
C LEU B 360 -7.39 27.55 -29.09
N LYS B 361 -8.56 27.74 -29.76
CA LYS B 361 -8.90 27.14 -31.08
C LYS B 361 -9.04 25.61 -31.00
N PHE B 362 -9.30 25.06 -29.83
CA PHE B 362 -9.60 23.57 -29.83
C PHE B 362 -10.92 23.38 -30.55
N GLY B 363 -10.97 22.28 -31.31
CA GLY B 363 -12.30 21.82 -31.84
C GLY B 363 -12.86 20.67 -31.02
N ILE B 364 -14.16 20.67 -30.77
CA ILE B 364 -14.83 19.63 -29.93
C ILE B 364 -14.86 18.32 -30.73
N GLY B 365 -14.70 17.20 -29.97
CA GLY B 365 -14.58 15.90 -30.58
C GLY B 365 -15.97 15.31 -30.67
N ASP B 366 -15.95 14.03 -31.06
CA ASP B 366 -17.23 13.29 -31.40
C ASP B 366 -17.71 12.27 -30.34
N GLY B 367 -17.26 12.43 -29.08
CA GLY B 367 -17.81 11.59 -28.01
C GLY B 367 -17.42 12.02 -26.60
N ASN B 368 -17.84 11.17 -25.66
CA ASN B 368 -17.61 11.41 -24.24
C ASN B 368 -16.63 10.43 -23.58
N LEU B 369 -15.94 10.90 -22.54
CA LEU B 369 -15.26 9.95 -21.62
C LEU B 369 -16.04 10.06 -20.33
N GLN B 370 -16.68 8.92 -19.93
CA GLN B 370 -17.44 8.81 -18.72
CA GLN B 370 -17.41 8.94 -18.68
C GLN B 370 -16.55 8.38 -17.53
N TYR B 371 -16.86 8.93 -16.38
CA TYR B 371 -16.17 8.57 -15.09
C TYR B 371 -17.09 7.82 -14.21
N TYR B 372 -16.57 6.77 -13.55
CA TYR B 372 -17.34 5.91 -12.71
C TYR B 372 -16.64 5.54 -11.44
N LEU B 373 -17.40 5.25 -10.40
CA LEU B 373 -16.89 4.61 -9.20
C LEU B 373 -17.55 3.27 -9.06
N TYR B 374 -16.79 2.30 -8.52
CA TYR B 374 -17.39 1.02 -8.21
C TYR B 374 -17.63 1.01 -6.70
N ASN B 375 -18.84 0.59 -6.33
CA ASN B 375 -19.20 0.48 -4.91
C ASN B 375 -19.04 1.76 -4.09
N TRP B 376 -19.39 2.87 -4.74
CA TRP B 376 -19.41 4.15 -4.00
C TRP B 376 -20.49 4.96 -4.73
N LYS B 377 -21.63 5.04 -4.07
CA LYS B 377 -22.79 5.72 -4.69
C LYS B 377 -22.70 7.13 -4.07
N CYS B 378 -22.77 8.16 -4.95
CA CYS B 378 -22.53 9.56 -4.53
C CYS B 378 -23.27 10.36 -5.66
N PRO B 379 -23.53 11.68 -5.42
CA PRO B 379 -24.15 12.49 -6.54
C PRO B 379 -23.23 12.65 -7.75
N SER B 380 -23.77 12.75 -8.92
CA SER B 380 -22.97 13.02 -10.06
C SER B 380 -22.48 14.49 -9.99
N MET B 381 -21.57 14.84 -10.88
CA MET B 381 -20.98 16.22 -10.82
C MET B 381 -20.74 16.70 -12.19
N GLY B 382 -20.66 18.05 -12.38
CA GLY B 382 -20.38 18.58 -13.73
C GLY B 382 -18.91 18.31 -14.10
N ALA B 383 -18.59 18.38 -15.38
CA ALA B 383 -17.19 18.12 -15.89
C ALA B 383 -16.17 19.01 -15.14
N GLU B 384 -16.63 20.24 -14.80
CA GLU B 384 -15.86 21.28 -14.16
CA GLU B 384 -15.79 21.26 -14.16
C GLU B 384 -15.33 20.84 -12.79
N LYS B 385 -16.00 19.83 -12.13
CA LYS B 385 -15.71 19.40 -10.81
C LYS B 385 -14.94 18.09 -10.82
N VAL B 386 -14.73 17.52 -12.01
CA VAL B 386 -13.86 16.25 -12.17
C VAL B 386 -12.38 16.73 -12.22
N GLY B 387 -11.58 16.21 -11.29
CA GLY B 387 -10.17 16.58 -11.12
C GLY B 387 -9.26 15.37 -11.17
N LEU B 388 -9.55 14.47 -12.05
CA LEU B 388 -8.80 13.20 -12.18
C LEU B 388 -8.60 12.90 -13.61
N VAL B 389 -7.38 12.62 -14.02
CA VAL B 389 -7.03 12.23 -15.39
C VAL B 389 -6.35 10.85 -15.38
N LEU B 390 -6.85 9.95 -16.21
CA LEU B 390 -6.24 8.60 -16.34
C LEU B 390 -5.65 8.52 -17.72
N GLN B 391 -4.59 7.72 -17.85
CA GLN B 391 -3.90 7.47 -19.13
C GLN B 391 -4.77 6.67 -20.11
S1 MYA C . 12.04 -1.38 20.03
C2 MYA C . 13.58 -2.37 19.99
C3 MYA C . 14.76 -1.40 20.17
N4 MYA C . 16.04 -2.05 20.03
C5 MYA C . 16.86 -2.51 21.01
O5 MYA C . 16.47 -2.32 22.19
C6 MYA C . 18.11 -3.19 20.58
C7 MYA C . 19.27 -2.90 21.57
N8 MYA C . 19.58 -1.49 21.66
C9 MYA C . 20.02 -0.71 20.66
O9 MYA C . 20.29 -1.25 19.58
C10 MYA C . 20.26 0.73 21.01
O10 MYA C . 20.34 0.85 22.47
C11 MYA C . 19.04 1.60 20.56
C12 MYA C . 19.25 3.06 21.04
C13 MYA C . 17.63 1.11 21.01
C14 MYA C . 19.12 1.68 19.04
N1A MYA C . 12.87 3.65 20.79
O1A MYA C . 21.71 6.63 19.70
P1A MYA C . 21.39 6.92 21.10
C1X MYA C . 16.14 7.33 22.44
C2A MYA C . 12.89 5.00 20.56
O2A MYA C . 22.44 7.69 21.92
P2A MYA C . 21.56 4.17 21.69
C2M MYA C . 11.80 -0.88 18.37
O2M MYA C . 12.52 -1.38 17.52
C2X MYA C . 16.55 7.84 23.82
O2X MYA C . 15.41 8.07 24.63
N3A MYA C . 13.78 5.87 21.12
O3A MYA C . 20.90 5.60 21.92
C3M MYA C . 10.83 0.22 18.02
C3X MYA C . 17.34 9.07 23.34
O3X MYA C . 16.33 10.01 22.97
P3X MYA C . 16.12 11.29 23.97
C4A MYA C . 14.79 5.35 21.83
O4A MYA C . 21.27 3.47 23.07
C4M MYA C . 11.66 1.50 17.81
C4X MYA C . 18.10 8.60 22.09
O4X MYA C . 17.30 7.51 21.62
C5A MYA C . 14.88 3.96 22.02
O5A MYA C . 22.91 4.08 21.20
C5M MYA C . 10.68 2.67 17.56
C5X MYA C . 19.46 8.17 22.46
O5X MYA C . 20.05 7.70 21.24
C6A MYA C . 13.91 3.12 21.48
N6A MYA C . 13.92 1.76 21.69
O6A MYA C . 20.55 3.47 20.62
C6M MYA C . 11.53 3.88 17.09
N7A MYA C . 15.93 3.72 22.79
O7A MYA C . 15.87 10.66 25.33
C7M MYA C . 10.60 5.10 17.05
C8A MYA C . 16.55 4.91 23.00
O8A MYA C . 17.37 12.15 23.91
C8M MYA C . 9.72 5.19 15.81
N9A MYA C . 15.81 5.91 22.42
O9A MYA C . 14.99 12.05 23.43
C9M MYA C . 8.91 6.49 15.76
CAM MYA C . 8.05 6.51 14.45
CBM MYA C . 8.83 6.71 13.13
CCM MYA C . 7.96 6.62 11.86
CDM MYA C . 6.97 7.82 11.76
CEM MYA C . 6.36 7.73 10.38
CFM MYA C . 5.21 8.74 10.22
P PO4 D . 8.37 18.01 12.34
O1 PO4 D . 7.66 16.69 12.06
O2 PO4 D . 7.73 18.56 13.65
O3 PO4 D . 9.83 17.76 12.61
O4 PO4 D . 8.14 18.89 11.13
P PO4 E . 21.18 15.13 10.89
O1 PO4 E . 21.77 13.78 11.36
O2 PO4 E . 19.89 15.25 11.62
O3 PO4 E . 21.18 15.07 9.39
O4 PO4 E . 22.03 16.38 11.31
P PO4 F . 19.22 14.59 19.06
O1 PO4 F . 18.84 13.69 20.19
O2 PO4 F . 18.12 14.61 18.02
O3 PO4 F . 20.50 14.10 18.41
O4 PO4 F . 19.40 15.96 19.71
MG MG G . 24.35 5.72 19.15
C1 9M8 H . 7.77 -6.65 20.46
C2 9M8 H . 10.22 -7.23 20.50
C3 9M8 H . 10.45 -6.79 21.91
C4 9M8 H . 12.12 -4.55 24.20
C5 9M8 H . 10.57 -6.58 24.27
C10 9M8 H . 10.00 -7.40 23.21
C11 9M8 H . 7.98 -9.84 25.16
C15 9M8 H . 12.85 -11.84 26.76
C16 9M8 H . 13.81 -10.89 26.35
C17 9M8 H . 13.69 -9.37 26.46
C18 9M8 H . 15.97 -11.20 25.06
C19 9M8 H . 13.35 -13.10 26.40
C20 9M8 H . 12.61 -14.42 26.64
C23 9M8 H . 5.83 -10.77 24.67
C24 9M8 H . 6.79 -9.83 24.43
C6 9M8 H . 10.33 -6.87 25.59
C7 9M8 H . 9.46 -7.99 25.85
C8 9M8 H . 8.93 -8.76 24.85
C9 9M8 H . 9.15 -8.44 23.51
C13 9M8 H . 10.48 -11.39 26.38
C14 9M8 H . 11.57 -11.38 27.44
C21 9M8 H . 7.09 -11.68 26.46
C22 9M8 H . 5.94 -11.70 25.68
C12 9M8 H . 8.13 -10.76 26.25
F 9M8 H . 7.30 -12.55 27.46
O 9M8 H . 9.28 -10.80 26.97
N4 9M8 H . 14.47 -12.99 25.72
N3 9M8 H . 14.74 -11.62 25.75
N2 9M8 H . 11.32 -5.68 23.68
N1 9M8 H . 11.26 -5.76 22.25
N 9M8 H . 9.12 -6.43 19.85
C 9M8 H . 9.42 -4.96 19.74
S1 MYA I . -11.91 1.48 -20.71
C2 MYA I . -11.23 0.84 -22.23
C3 MYA I . -11.90 -0.45 -22.59
N4 MYA I . -11.19 -1.11 -23.72
C5 MYA I . -11.52 -0.98 -25.02
O5 MYA I . -12.49 -0.24 -25.37
C6 MYA I . -10.68 -1.71 -26.05
C7 MYA I . -11.52 -2.16 -27.27
N8 MYA I . -12.59 -3.05 -26.82
C9 MYA I . -12.50 -4.20 -26.22
O9 MYA I . -11.42 -4.71 -25.93
C10 MYA I . -13.74 -4.96 -25.83
O10 MYA I . -14.78 -4.49 -26.70
C11 MYA I . -14.11 -4.82 -24.36
C12 MYA I . -15.46 -5.43 -24.02
C13 MYA I . -14.16 -3.36 -23.86
C14 MYA I . -12.98 -5.62 -23.58
N1A MYA I . -16.10 -1.21 -19.41
O1A MYA I . -17.10 -9.56 -23.30
P1A MYA I . -18.26 -8.85 -23.80
C1X MYA I . -19.79 -4.51 -20.66
C2A MYA I . -16.92 -1.94 -18.65
O2A MYA I . -19.21 -9.73 -24.61
P2A MYA I . -16.58 -7.37 -25.52
C2M MYA I . -11.19 0.66 -19.38
O2M MYA I . -10.22 -0.05 -19.58
C2X MYA I . -21.03 -4.52 -21.54
O2X MYA I . -21.84 -3.44 -21.16
N3A MYA I . -17.87 -2.73 -19.11
O3A MYA I . -17.79 -7.53 -24.64
C3M MYA I . -11.79 0.69 -18.06
C3X MYA I . -21.63 -5.90 -21.31
O3X MYA I . -22.07 -5.85 -20.00
P3X MYA I . -23.66 -5.81 -19.79
C4A MYA I . -17.90 -2.89 -20.43
O4A MYA I . -16.89 -6.22 -26.50
C4M MYA I . -12.51 -0.65 -17.81
C4X MYA I . -20.37 -6.78 -21.36
O4X MYA I . -19.30 -5.85 -20.96
C5A MYA I . -17.05 -2.17 -21.29
O5A MYA I . -16.08 -8.60 -26.14
C5M MYA I . -13.34 -0.62 -16.52
C5X MYA I . -20.16 -7.38 -22.69
O5X MYA I . -18.93 -8.24 -22.59
C6A MYA I . -16.05 -1.39 -20.74
N6A MYA I . -15.19 -0.64 -21.53
O6A MYA I . -15.47 -6.77 -24.48
C6M MYA I . -13.99 -2.00 -16.22
N7A MYA I . -17.35 -2.47 -22.59
O7A MYA I . -24.12 -4.65 -20.71
C7M MYA I . -14.87 -2.00 -14.97
C8A MYA I . -18.37 -3.43 -22.51
O8A MYA I . -24.23 -7.13 -20.26
C8M MYA I . -14.02 -1.94 -13.68
N9A MYA I . -18.76 -3.58 -21.21
O9A MYA I . -23.95 -5.49 -18.41
C9M MYA I . -14.94 -2.04 -12.46
CAM MYA I . -14.19 -2.07 -11.12
CBM MYA I . -13.35 -3.42 -10.90
CCM MYA I . -12.50 -3.30 -9.58
CDM MYA I . -13.36 -3.19 -8.28
CEM MYA I . -12.47 -3.28 -7.03
CFM MYA I . -13.19 -3.05 -5.70
P PO4 J . -21.10 -9.01 -4.88
O1 PO4 J . -21.19 -9.75 -3.63
O2 PO4 J . -22.15 -7.88 -5.00
O3 PO4 J . -21.10 -9.95 -6.11
O4 PO4 J . -19.80 -8.18 -4.75
P PO4 K . -17.54 -17.44 -13.86
O1 PO4 K . -18.59 -18.54 -14.20
O2 PO4 K . -18.26 -16.20 -13.39
O3 PO4 K . -16.56 -18.10 -12.94
O4 PO4 K . -16.76 -16.96 -15.07
P PO4 L . -22.25 -12.17 -17.74
O1 PO4 L . -22.44 -13.52 -18.42
O2 PO4 L . -21.51 -12.31 -16.44
O3 PO4 L . -23.58 -11.47 -17.50
O4 PO4 L . -21.50 -11.31 -18.69
MG MG M . -15.88 -11.33 -25.17
C1 9M8 N . -8.63 7.50 -20.52
C2 9M8 N . -8.00 5.97 -22.42
C3 9M8 N . -9.28 6.25 -23.17
C4 9M8 N . -12.38 5.06 -24.55
C5 9M8 N . -10.97 7.20 -24.57
C10 9M8 N . -9.71 7.52 -23.88
C11 9M8 N . -9.34 11.16 -24.82
C15 9M8 N . -8.56 9.33 -29.95
C16 9M8 N . -8.93 7.93 -29.82
C17 9M8 N . -10.07 7.28 -28.98
C18 9M8 N . -7.79 5.84 -30.73
C19 9M8 N . -7.42 9.37 -30.78
C20 9M8 N . -6.72 10.66 -31.14
C23 9M8 N . -8.50 13.03 -23.48
C24 9M8 N . -8.96 11.74 -23.60
C6 9M8 N . -11.71 8.18 -25.23
C7 9M8 N . -11.12 9.46 -25.36
C8 9M8 N . -9.85 9.74 -24.79
C9 9M8 N . -9.16 8.81 -24.00
C13 9M8 N . -8.82 10.65 -27.86
C14 9M8 N . -9.46 10.34 -29.22
C21 9M8 N . -8.94 13.34 -25.85
C22 9M8 N . -8.53 13.88 -24.59
C12 9M8 N . -9.39 11.99 -25.99
F 9M8 N . -8.93 14.06 -26.98
O 9M8 N . -9.79 11.49 -27.18
N4 9M8 N . -7.00 8.07 -31.08
N3 9M8 N . -7.96 7.25 -30.46
N2 9M8 N . -11.21 5.91 -24.28
N1 9M8 N . -10.24 5.35 -23.45
N 9M8 N . -8.21 6.14 -20.96
C 9M8 N . -9.09 5.06 -20.42
#